data_4LDR
#
_entry.id   4LDR
#
_cell.length_a   44.518
_cell.length_b   115.970
_cell.length_c   135.500
_cell.angle_alpha   90.00
_cell.angle_beta   90.00
_cell.angle_gamma   90.00
#
_symmetry.space_group_name_H-M   'P 21 21 21'
#
loop_
_entity.id
_entity.type
_entity.pdbx_description
1 polymer 'Methylthioribose-1-phosphate isomerase'
2 water water
#
_entity_poly.entity_id   1
_entity_poly.type   'polypeptide(L)'
_entity_poly.pdbx_seq_one_letter_code
;MTLEAIRYSRGSLQILDQLLLPKQSRYEAVGSVHQAWEAIRAMKVRGAPAIALVGCLSLAVELQAGAGGPGLAALVAFVR
DKLSFLVTARPTAVNMARAARDLADVAAREAEREGATEEAVRERVICCTEDMLEKDLRDNRSIGDLGARHLLERVAPSGG
KVTVLTHCNTGALATAGYGTALGVIRSLHSLGRLEHAFCTETRPYNQGARLTAFELVYEQIPATLITDSMVAAAMAHRGV
SAVVVGADRVVANGDTANKVGTYQLAIVAKHHGIPFYVAAPSYSCDLRLETGKEIIIEERPGQELTDVNGVRIAAPGIGV
WNPAFDVTPHDLITGGIITELGVFAPEELRTALTTTISSRDGTLDGPQM
;
_entity_poly.pdbx_strand_id   A,B
#
# COMPACT_ATOMS: atom_id res chain seq x y z
N THR A 2 22.64 2.60 -20.69
CA THR A 2 21.80 2.27 -19.54
C THR A 2 22.05 3.23 -18.39
N LEU A 3 21.16 3.20 -17.39
CA LEU A 3 21.39 3.92 -16.16
C LEU A 3 22.51 3.24 -15.40
N GLU A 4 23.48 4.01 -14.93
CA GLU A 4 24.62 3.46 -14.21
C GLU A 4 24.75 4.05 -12.82
N ALA A 5 24.53 3.24 -11.80
CA ALA A 5 24.76 3.65 -10.42
C ALA A 5 26.26 3.66 -10.16
N ILE A 6 26.98 2.85 -10.91
CA ILE A 6 28.43 2.75 -10.80
C ILE A 6 29.05 3.03 -12.16
N ARG A 7 29.87 4.07 -12.22
CA ARG A 7 30.62 4.39 -13.42
C ARG A 7 32.08 4.08 -13.13
N TYR A 8 32.63 3.10 -13.85
CA TYR A 8 34.00 2.70 -13.64
C TYR A 8 34.76 2.53 -14.94
N SER A 9 35.98 3.05 -14.95
CA SER A 9 36.98 2.71 -15.93
C SER A 9 38.30 2.66 -15.18
N ARG A 10 39.34 2.11 -15.79
CA ARG A 10 40.61 1.92 -15.11
C ARG A 10 41.13 3.26 -14.55
N GLY A 11 41.29 3.31 -13.24
CA GLY A 11 41.77 4.49 -12.56
C GLY A 11 40.69 5.44 -12.09
N SER A 12 39.45 5.23 -12.57
CA SER A 12 38.35 6.15 -12.27
C SER A 12 37.08 5.43 -11.80
N LEU A 13 36.59 5.84 -10.64
CA LEU A 13 35.34 5.31 -10.08
C LEU A 13 34.43 6.42 -9.60
N GLN A 14 33.21 6.47 -10.14
CA GLN A 14 32.19 7.38 -9.66
C GLN A 14 30.95 6.59 -9.29
N ILE A 15 30.23 7.07 -8.29
CA ILE A 15 29.00 6.44 -7.85
C ILE A 15 27.86 7.45 -7.78
N LEU A 16 26.66 6.99 -8.12
CA LEU A 16 25.47 7.82 -8.07
C LEU A 16 24.99 7.90 -6.63
N ASP A 17 24.86 9.14 -6.12
CA ASP A 17 24.50 9.36 -4.72
C ASP A 17 23.01 9.12 -4.49
N GLN A 18 22.66 7.95 -3.97
CA GLN A 18 21.27 7.54 -3.83
C GLN A 18 20.47 8.40 -2.85
N LEU A 19 21.15 9.08 -1.95
CA LEU A 19 20.49 9.96 -0.99
C LEU A 19 19.74 11.10 -1.68
N LEU A 20 20.29 11.57 -2.80
CA LEU A 20 19.74 12.73 -3.49
C LEU A 20 18.70 12.33 -4.53
N LEU A 21 18.57 11.03 -4.78
CA LEU A 21 17.53 10.53 -5.66
C LEU A 21 16.18 10.64 -4.96
N PRO A 22 15.10 10.81 -5.72
CA PRO A 22 15.07 10.93 -7.19
C PRO A 22 15.09 12.37 -7.74
N LYS A 23 15.16 13.40 -6.91
CA LYS A 23 15.19 14.78 -7.42
C LYS A 23 16.41 15.02 -8.30
N GLN A 24 17.60 14.79 -7.73
CA GLN A 24 18.84 15.05 -8.46
C GLN A 24 19.67 13.80 -8.67
N SER A 25 20.43 13.81 -9.76
CA SER A 25 21.43 12.79 -10.02
C SER A 25 22.79 13.44 -9.90
N ARG A 26 23.49 13.15 -8.82
CA ARG A 26 24.84 13.63 -8.60
C ARG A 26 25.77 12.44 -8.54
N TYR A 27 26.82 12.47 -9.33
CA TYR A 27 27.85 11.44 -9.30
C TYR A 27 29.02 11.91 -8.46
N GLU A 28 29.43 11.05 -7.52
CA GLU A 28 30.49 11.37 -6.59
C GLU A 28 31.73 10.58 -6.95
N ALA A 29 32.82 11.28 -7.22
CA ALA A 29 34.07 10.62 -7.56
C ALA A 29 34.62 9.92 -6.33
N VAL A 30 35.21 8.74 -6.55
CA VAL A 30 35.83 7.96 -5.49
C VAL A 30 37.27 7.68 -5.84
N GLY A 31 38.18 8.11 -4.98
CA GLY A 31 39.61 7.93 -5.18
C GLY A 31 40.26 7.11 -4.09
N SER A 32 39.44 6.54 -3.21
CA SER A 32 39.97 5.81 -2.06
C SER A 32 39.01 4.74 -1.52
N VAL A 33 39.59 3.71 -0.95
CA VAL A 33 38.83 2.66 -0.28
C VAL A 33 38.12 3.22 0.96
N HIS A 34 38.73 4.22 1.60
CA HIS A 34 38.14 4.86 2.75
C HIS A 34 36.93 5.68 2.33
N GLN A 35 37.09 6.40 1.22
CA GLN A 35 36.00 7.18 0.64
C GLN A 35 34.83 6.27 0.34
N ALA A 36 35.13 5.12 -0.27
CA ALA A 36 34.11 4.12 -0.54
C ALA A 36 33.40 3.78 0.75
N TRP A 37 34.16 3.32 1.74
CA TRP A 37 33.63 2.92 3.04
C TRP A 37 32.63 3.93 3.58
N GLU A 38 32.99 5.21 3.54
CA GLU A 38 32.09 6.28 3.97
C GLU A 38 30.81 6.29 3.15
N ALA A 39 30.95 6.17 1.83
CA ALA A 39 29.80 6.23 0.95
C ALA A 39 28.85 5.06 1.21
N ILE A 40 29.40 3.89 1.52
CA ILE A 40 28.58 2.72 1.82
C ILE A 40 27.85 2.89 3.14
N ARG A 41 28.54 3.44 4.14
CA ARG A 41 27.92 3.64 5.45
C ARG A 41 26.91 4.79 5.39
N ALA A 42 27.23 5.81 4.60
CA ALA A 42 26.33 6.95 4.41
C ALA A 42 25.11 6.55 3.58
N MET A 43 25.15 5.33 3.03
CA MET A 43 24.05 4.78 2.25
C MET A 43 23.85 5.48 0.91
N LYS A 44 24.96 6.00 0.38
CA LYS A 44 24.97 6.55 -0.97
C LYS A 44 24.94 5.42 -1.99
N VAL A 45 25.34 4.23 -1.55
CA VAL A 45 25.40 3.05 -2.40
C VAL A 45 24.43 2.00 -1.85
N ARG A 46 23.57 1.48 -2.73
CA ARG A 46 22.53 0.53 -2.32
C ARG A 46 22.57 -0.74 -3.16
N GLY A 47 22.21 -1.85 -2.53
CA GLY A 47 22.24 -3.15 -3.19
C GLY A 47 23.53 -3.88 -2.89
N ALA A 48 23.41 -5.12 -2.43
CA ALA A 48 24.57 -5.88 -1.98
C ALA A 48 25.66 -6.01 -3.06
N PRO A 49 25.27 -6.40 -4.28
CA PRO A 49 26.29 -6.50 -5.34
C PRO A 49 27.02 -5.18 -5.56
N ALA A 50 26.26 -4.11 -5.68
CA ALA A 50 26.82 -2.78 -5.95
C ALA A 50 27.75 -2.35 -4.82
N ILE A 51 27.33 -2.63 -3.58
CA ILE A 51 28.14 -2.31 -2.41
C ILE A 51 29.48 -3.04 -2.49
N ALA A 52 29.43 -4.33 -2.82
CA ALA A 52 30.62 -5.16 -2.94
C ALA A 52 31.52 -4.70 -4.10
N LEU A 53 30.91 -4.37 -5.22
CA LEU A 53 31.67 -3.93 -6.39
C LEU A 53 32.32 -2.57 -6.13
N VAL A 54 31.56 -1.66 -5.52
CA VAL A 54 32.08 -0.32 -5.23
C VAL A 54 33.30 -0.41 -4.29
N GLY A 55 33.25 -1.32 -3.33
CA GLY A 55 34.39 -1.53 -2.45
C GLY A 55 35.57 -2.05 -3.23
N CYS A 56 35.39 -3.20 -3.88
CA CYS A 56 36.48 -3.84 -4.61
C CYS A 56 37.06 -2.91 -5.66
N LEU A 57 36.21 -2.12 -6.29
CA LEU A 57 36.66 -1.21 -7.35
C LEU A 57 37.42 -0.01 -6.78
N SER A 58 37.11 0.38 -5.54
CA SER A 58 37.86 1.45 -4.91
C SER A 58 39.27 0.98 -4.60
N LEU A 59 39.39 -0.26 -4.16
CA LEU A 59 40.69 -0.89 -3.99
C LEU A 59 41.45 -0.84 -5.31
N ALA A 60 40.75 -1.18 -6.39
CA ALA A 60 41.35 -1.20 -7.73
C ALA A 60 41.87 0.17 -8.18
N VAL A 61 41.15 1.23 -7.84
CA VAL A 61 41.57 2.59 -8.16
C VAL A 61 42.86 2.91 -7.39
N GLU A 62 42.94 2.39 -6.17
CA GLU A 62 44.13 2.59 -5.34
C GLU A 62 45.28 1.73 -5.82
N LEU A 63 44.98 0.50 -6.24
CA LEU A 63 46.02 -0.36 -6.80
C LEU A 63 46.53 0.25 -8.10
N GLN A 64 45.63 0.83 -8.89
CA GLN A 64 46.04 1.54 -10.10
C GLN A 64 46.85 2.77 -9.69
N ALA A 65 46.66 3.19 -8.44
CA ALA A 65 47.34 4.36 -7.91
C ALA A 65 48.69 4.00 -7.29
N GLY A 66 49.01 2.71 -7.30
CA GLY A 66 50.22 2.19 -6.70
C GLY A 66 50.14 2.10 -5.18
N ALA A 67 48.93 2.33 -4.64
CA ALA A 67 48.68 2.09 -3.23
C ALA A 67 48.91 0.63 -2.95
N GLY A 68 49.86 0.33 -2.07
CA GLY A 68 50.34 -1.02 -1.94
C GLY A 68 51.84 -1.01 -1.96
N GLY A 69 52.44 -1.33 -0.83
CA GLY A 69 53.87 -1.48 -0.80
C GLY A 69 54.47 -1.90 0.51
N PRO A 70 55.75 -2.29 0.47
CA PRO A 70 56.52 -2.63 -0.74
C PRO A 70 56.93 -4.09 -0.81
N GLY A 71 56.86 -4.70 -2.00
CA GLY A 71 57.36 -6.05 -2.20
C GLY A 71 56.41 -6.98 -2.94
N LEU A 72 55.37 -7.43 -2.24
CA LEU A 72 54.45 -8.45 -2.74
C LEU A 72 53.67 -8.95 -1.53
N ALA A 73 54.42 -9.36 -0.51
CA ALA A 73 53.85 -9.82 0.75
C ALA A 73 53.11 -8.66 1.42
N ALA A 74 53.59 -7.45 1.18
CA ALA A 74 52.95 -6.25 1.69
C ALA A 74 51.67 -5.97 0.91
N LEU A 75 51.73 -6.12 -0.40
CA LEU A 75 50.58 -5.83 -1.26
C LEU A 75 49.46 -6.80 -0.96
N VAL A 76 49.80 -8.08 -0.81
CA VAL A 76 48.81 -9.07 -0.40
C VAL A 76 48.29 -8.69 0.97
N ALA A 77 49.16 -8.23 1.85
CA ALA A 77 48.76 -7.78 3.18
C ALA A 77 47.87 -6.54 3.08
N PHE A 78 48.25 -5.63 2.19
CA PHE A 78 47.48 -4.42 1.93
C PHE A 78 46.08 -4.81 1.49
N VAL A 79 46.00 -5.70 0.49
CA VAL A 79 44.73 -6.12 -0.06
C VAL A 79 43.84 -6.76 1.01
N ARG A 80 44.38 -7.74 1.73
CA ARG A 80 43.62 -8.46 2.75
C ARG A 80 43.03 -7.52 3.80
N ASP A 81 43.74 -6.43 4.06
CA ASP A 81 43.34 -5.49 5.11
C ASP A 81 42.15 -4.65 4.66
N LYS A 82 42.25 -4.09 3.46
CA LYS A 82 41.22 -3.21 2.93
C LYS A 82 39.92 -3.98 2.69
N LEU A 83 40.03 -5.26 2.37
CA LEU A 83 38.85 -6.08 2.17
C LEU A 83 38.19 -6.36 3.51
N SER A 84 39.00 -6.66 4.51
CA SER A 84 38.50 -6.82 5.88
C SER A 84 37.86 -5.53 6.35
N PHE A 85 38.48 -4.40 5.99
CA PHE A 85 37.95 -3.08 6.32
C PHE A 85 36.57 -2.90 5.68
N LEU A 86 36.49 -3.14 4.38
CA LEU A 86 35.24 -2.94 3.63
C LEU A 86 34.09 -3.75 4.18
N VAL A 87 34.39 -4.96 4.64
CA VAL A 87 33.36 -5.82 5.23
C VAL A 87 32.66 -5.13 6.39
N THR A 88 33.38 -4.27 7.10
CA THR A 88 32.83 -3.57 8.27
C THR A 88 31.84 -2.47 7.90
N ALA A 89 31.75 -2.14 6.61
CA ALA A 89 30.90 -1.05 6.15
C ALA A 89 29.41 -1.32 6.40
N ARG A 90 28.86 -2.28 5.67
CA ARG A 90 27.49 -2.75 5.89
C ARG A 90 27.45 -4.27 5.78
N PRO A 91 27.88 -4.96 6.85
CA PRO A 91 27.86 -6.43 6.92
C PRO A 91 26.47 -7.04 6.74
N THR A 92 25.43 -6.22 6.72
CA THR A 92 24.06 -6.70 6.53
C THR A 92 23.93 -7.56 5.28
N ALA A 93 24.80 -7.32 4.30
CA ALA A 93 24.83 -8.12 3.08
C ALA A 93 26.19 -8.76 2.88
N VAL A 94 26.18 -10.06 2.60
CA VAL A 94 27.38 -10.88 2.61
C VAL A 94 28.21 -10.75 1.33
N ASN A 95 27.61 -10.18 0.28
CA ASN A 95 28.26 -10.08 -1.02
C ASN A 95 29.67 -9.50 -0.92
N MET A 96 29.89 -8.64 0.07
CA MET A 96 31.21 -8.07 0.31
C MET A 96 32.16 -9.10 0.89
N ALA A 97 31.68 -9.87 1.86
CA ALA A 97 32.49 -10.89 2.51
C ALA A 97 32.98 -11.91 1.50
N ARG A 98 32.04 -12.44 0.72
CA ARG A 98 32.35 -13.42 -0.30
C ARG A 98 33.33 -12.83 -1.32
N ALA A 99 33.10 -11.56 -1.69
CA ALA A 99 33.97 -10.87 -2.63
C ALA A 99 35.39 -10.76 -2.07
N ALA A 100 35.48 -10.43 -0.80
CA ALA A 100 36.77 -10.24 -0.13
C ALA A 100 37.57 -11.54 -0.09
N ARG A 101 36.89 -12.61 0.29
CA ARG A 101 37.51 -13.90 0.51
C ARG A 101 38.17 -14.46 -0.74
N ASP A 102 37.53 -14.32 -1.91
CA ASP A 102 38.14 -14.80 -3.14
C ASP A 102 39.11 -13.80 -3.75
N LEU A 103 38.84 -12.51 -3.59
CA LEU A 103 39.77 -11.51 -4.09
C LEU A 103 41.07 -11.64 -3.31
N ALA A 104 40.95 -12.05 -2.04
CA ALA A 104 42.10 -12.38 -1.23
C ALA A 104 42.75 -13.66 -1.76
N ASP A 105 41.94 -14.68 -2.01
CA ASP A 105 42.45 -15.96 -2.52
C ASP A 105 43.06 -15.82 -3.92
N VAL A 106 42.55 -14.88 -4.71
CA VAL A 106 43.17 -14.56 -6.00
C VAL A 106 44.54 -13.97 -5.71
N ALA A 107 44.57 -12.99 -4.82
CA ALA A 107 45.82 -12.34 -4.44
C ALA A 107 46.79 -13.36 -3.83
N ALA A 108 46.25 -14.43 -3.27
CA ALA A 108 47.07 -15.48 -2.68
C ALA A 108 47.70 -16.37 -3.75
N ARG A 109 46.87 -17.02 -4.56
CA ARG A 109 47.37 -17.96 -5.57
C ARG A 109 48.42 -17.32 -6.48
N GLU A 110 48.13 -16.12 -6.98
CA GLU A 110 49.05 -15.45 -7.89
C GLU A 110 50.26 -14.91 -7.13
N ALA A 111 50.16 -14.81 -5.81
CA ALA A 111 51.32 -14.50 -4.99
C ALA A 111 52.17 -15.77 -4.84
N GLU A 112 51.50 -16.92 -4.76
CA GLU A 112 52.19 -18.21 -4.62
C GLU A 112 52.79 -18.68 -5.94
N ARG A 113 52.46 -17.98 -7.03
CA ARG A 113 52.87 -18.36 -8.37
C ARG A 113 54.39 -18.27 -8.55
N GLU A 114 54.98 -19.31 -9.14
CA GLU A 114 56.42 -19.34 -9.42
C GLU A 114 56.87 -18.06 -10.12
N GLY A 115 57.86 -17.40 -9.56
CA GLY A 115 58.37 -16.16 -10.12
C GLY A 115 57.45 -14.98 -9.89
N ALA A 116 56.55 -15.09 -8.92
CA ALA A 116 55.58 -14.03 -8.63
C ALA A 116 56.23 -12.67 -8.45
N THR A 117 55.60 -11.64 -9.01
CA THR A 117 56.14 -10.28 -8.96
C THR A 117 55.09 -9.25 -8.55
N GLU A 118 55.56 -8.13 -8.01
CA GLU A 118 54.72 -7.06 -7.52
C GLU A 118 53.74 -6.49 -8.55
N GLU A 119 54.24 -6.21 -9.75
CA GLU A 119 53.40 -5.61 -10.78
C GLU A 119 52.36 -6.61 -11.28
N ALA A 120 52.79 -7.84 -11.53
CA ALA A 120 51.91 -8.90 -12.02
C ALA A 120 50.75 -9.13 -11.06
N VAL A 121 51.06 -9.15 -9.76
CA VAL A 121 50.04 -9.46 -8.76
C VAL A 121 49.11 -8.27 -8.56
N ARG A 122 49.59 -7.08 -8.90
CA ARG A 122 48.77 -5.89 -8.79
C ARG A 122 47.75 -5.85 -9.92
N GLU A 123 48.26 -5.86 -11.16
CA GLU A 123 47.41 -5.87 -12.35
C GLU A 123 46.36 -6.96 -12.25
N ARG A 124 46.80 -8.13 -11.78
CA ARG A 124 45.93 -9.29 -11.67
C ARG A 124 44.79 -9.04 -10.70
N VAL A 125 45.08 -8.33 -9.61
CA VAL A 125 44.03 -7.99 -8.64
C VAL A 125 43.08 -6.96 -9.25
N ILE A 126 43.64 -5.91 -9.85
CA ILE A 126 42.85 -4.92 -10.55
C ILE A 126 41.99 -5.58 -11.62
N CYS A 127 42.60 -6.44 -12.43
CA CYS A 127 41.89 -7.11 -13.49
C CYS A 127 40.78 -7.98 -12.93
N CYS A 128 41.02 -8.59 -11.77
CA CYS A 128 40.02 -9.46 -11.17
C CYS A 128 38.76 -8.68 -10.84
N THR A 129 38.90 -7.56 -10.15
CA THR A 129 37.76 -6.76 -9.74
C THR A 129 37.01 -6.27 -10.98
N GLU A 130 37.76 -5.96 -12.03
CA GLU A 130 37.16 -5.54 -13.28
C GLU A 130 36.31 -6.67 -13.86
N ASP A 131 36.80 -7.90 -13.72
CA ASP A 131 36.10 -9.09 -14.21
C ASP A 131 34.84 -9.39 -13.40
N MET A 132 34.87 -9.08 -12.11
CA MET A 132 33.70 -9.28 -11.26
C MET A 132 32.58 -8.36 -11.73
N LEU A 133 32.94 -7.11 -12.02
CA LEU A 133 31.98 -6.11 -12.50
C LEU A 133 31.32 -6.57 -13.79
N GLU A 134 32.15 -6.99 -14.75
CA GLU A 134 31.65 -7.43 -16.06
C GLU A 134 30.77 -8.66 -15.94
N LYS A 135 31.19 -9.62 -15.12
CA LYS A 135 30.42 -10.85 -14.90
C LYS A 135 29.04 -10.53 -14.32
N ASP A 136 29.03 -9.66 -13.31
CA ASP A 136 27.79 -9.30 -12.65
C ASP A 136 26.86 -8.58 -13.63
N LEU A 137 27.43 -7.71 -14.47
CA LEU A 137 26.63 -7.03 -15.49
C LEU A 137 26.08 -8.02 -16.50
N ARG A 138 26.92 -8.94 -16.95
CA ARG A 138 26.52 -9.93 -17.94
C ARG A 138 25.47 -10.88 -17.38
N ASP A 139 25.61 -11.25 -16.11
CA ASP A 139 24.65 -12.14 -15.47
C ASP A 139 23.28 -11.47 -15.35
N ASN A 140 23.27 -10.18 -15.04
CA ASN A 140 22.01 -9.43 -14.97
C ASN A 140 21.36 -9.34 -16.35
N ARG A 141 22.17 -9.00 -17.36
CA ARG A 141 21.69 -8.96 -18.74
C ARG A 141 21.08 -10.29 -19.14
N SER A 142 21.72 -11.38 -18.72
CA SER A 142 21.23 -12.71 -19.02
C SER A 142 19.91 -13.00 -18.31
N ILE A 143 19.81 -12.61 -17.04
CA ILE A 143 18.56 -12.74 -16.31
C ILE A 143 17.45 -12.02 -17.07
N GLY A 144 17.75 -10.82 -17.51
CA GLY A 144 16.78 -10.01 -18.24
C GLY A 144 16.39 -10.62 -19.56
N ASP A 145 17.39 -11.04 -20.33
CA ASP A 145 17.13 -11.55 -21.68
C ASP A 145 16.40 -12.89 -21.65
N LEU A 146 16.96 -13.87 -20.93
CA LEU A 146 16.32 -15.18 -20.81
C LEU A 146 14.95 -15.09 -20.12
N GLY A 147 14.85 -14.20 -19.13
CA GLY A 147 13.59 -13.98 -18.44
C GLY A 147 12.53 -13.45 -19.39
N ALA A 148 12.91 -12.42 -20.15
CA ALA A 148 12.01 -11.79 -21.09
C ALA A 148 11.54 -12.79 -22.16
N ARG A 149 12.47 -13.57 -22.69
CA ARG A 149 12.13 -14.53 -23.71
C ARG A 149 11.13 -15.56 -23.19
N HIS A 150 11.42 -16.09 -22.00
CA HIS A 150 10.56 -17.10 -21.38
C HIS A 150 9.16 -16.52 -21.16
N LEU A 151 9.12 -15.27 -20.71
CA LEU A 151 7.88 -14.59 -20.42
C LEU A 151 7.06 -14.40 -21.69
N LEU A 152 7.72 -14.02 -22.77
CA LEU A 152 7.03 -13.82 -24.05
C LEU A 152 6.46 -15.14 -24.60
N GLU A 153 7.21 -16.23 -24.50
CA GLU A 153 6.73 -17.53 -24.96
C GLU A 153 5.54 -17.98 -24.12
N ARG A 154 5.58 -17.71 -22.83
CA ARG A 154 4.54 -18.16 -21.91
C ARG A 154 3.26 -17.38 -22.13
N VAL A 155 3.40 -16.06 -22.29
CA VAL A 155 2.26 -15.15 -22.22
C VAL A 155 1.79 -14.66 -23.59
N ALA A 156 2.71 -14.45 -24.52
CA ALA A 156 2.36 -13.89 -25.82
C ALA A 156 3.02 -14.62 -26.98
N PRO A 157 2.85 -15.95 -27.05
CA PRO A 157 3.49 -16.76 -28.08
C PRO A 157 3.17 -16.32 -29.52
N SER A 158 2.01 -15.70 -29.73
CA SER A 158 1.60 -15.25 -31.07
C SER A 158 2.20 -13.90 -31.44
N GLY A 159 3.10 -13.41 -30.60
CA GLY A 159 3.56 -12.04 -30.71
C GLY A 159 2.59 -11.20 -29.91
N GLY A 160 2.72 -9.88 -30.03
CA GLY A 160 1.93 -8.98 -29.22
C GLY A 160 2.76 -8.57 -28.02
N LYS A 161 2.53 -7.34 -27.56
CA LYS A 161 3.31 -6.79 -26.46
C LYS A 161 2.73 -7.25 -25.13
N VAL A 162 3.51 -7.11 -24.07
CA VAL A 162 3.09 -7.53 -22.74
C VAL A 162 3.17 -6.37 -21.75
N THR A 163 2.35 -6.46 -20.70
CA THR A 163 2.38 -5.51 -19.60
C THR A 163 2.87 -6.22 -18.34
N VAL A 164 3.95 -5.71 -17.77
CA VAL A 164 4.59 -6.32 -16.62
C VAL A 164 4.46 -5.44 -15.39
N LEU A 165 4.10 -6.06 -14.27
CA LEU A 165 4.02 -5.39 -12.99
C LEU A 165 5.17 -5.85 -12.10
N THR A 166 5.81 -4.91 -11.42
CA THR A 166 6.96 -5.22 -10.57
C THR A 166 6.87 -4.48 -9.24
N HIS A 167 7.77 -4.82 -8.32
CA HIS A 167 7.66 -4.44 -6.92
C HIS A 167 9.05 -4.06 -6.42
N CYS A 168 9.10 -3.10 -5.49
CA CYS A 168 10.38 -2.62 -4.94
C CYS A 168 11.30 -2.17 -6.08
N ASN A 169 12.61 -2.26 -5.84
CA ASN A 169 13.59 -1.87 -6.84
C ASN A 169 14.64 -2.94 -7.04
N THR A 170 14.83 -3.32 -8.29
CA THR A 170 15.69 -4.44 -8.65
C THR A 170 16.51 -4.07 -9.87
N GLY A 171 16.71 -2.77 -10.07
CA GLY A 171 17.32 -2.27 -11.28
C GLY A 171 18.77 -1.89 -11.09
N ALA A 172 19.20 -0.86 -11.82
CA ALA A 172 20.56 -0.37 -11.75
C ALA A 172 20.85 0.21 -10.36
N LEU A 173 19.80 0.63 -9.68
CA LEU A 173 19.93 1.27 -8.35
C LEU A 173 19.90 0.24 -7.22
N ALA A 174 19.84 -1.04 -7.57
CA ALA A 174 19.90 -2.13 -6.60
C ALA A 174 21.07 -3.06 -6.93
N THR A 175 21.71 -2.84 -8.08
CA THR A 175 22.73 -3.77 -8.57
C THR A 175 23.89 -3.03 -9.21
N ALA A 176 24.78 -3.80 -9.83
CA ALA A 176 25.91 -3.24 -10.56
C ALA A 176 25.41 -2.48 -11.78
N GLY A 177 24.37 -3.00 -12.40
CA GLY A 177 23.78 -2.38 -13.57
C GLY A 177 22.70 -3.26 -14.17
N TYR A 178 21.82 -2.66 -14.96
CA TYR A 178 20.80 -3.37 -15.72
C TYR A 178 19.71 -3.99 -14.85
N GLY A 179 20.11 -4.66 -13.77
CA GLY A 179 19.15 -5.16 -12.80
C GLY A 179 18.66 -6.56 -13.07
N THR A 180 17.74 -7.02 -12.21
CA THR A 180 17.22 -8.38 -12.29
C THR A 180 15.78 -8.39 -12.80
N ALA A 181 14.83 -8.08 -11.93
CA ALA A 181 13.43 -8.02 -12.38
C ALA A 181 13.26 -6.85 -13.34
N LEU A 182 13.90 -5.73 -13.02
CA LEU A 182 13.85 -4.57 -13.89
C LEU A 182 14.66 -4.86 -15.14
N GLY A 183 15.63 -5.77 -15.02
CA GLY A 183 16.40 -6.20 -16.17
C GLY A 183 15.49 -6.83 -17.22
N VAL A 184 14.55 -7.64 -16.76
CA VAL A 184 13.60 -8.30 -17.65
C VAL A 184 12.75 -7.26 -18.38
N ILE A 185 12.38 -6.21 -17.68
CA ILE A 185 11.58 -5.15 -18.25
C ILE A 185 12.37 -4.37 -19.29
N ARG A 186 13.64 -4.11 -19.00
CA ARG A 186 14.53 -3.50 -19.96
C ARG A 186 14.64 -4.33 -21.24
N SER A 187 14.76 -5.65 -21.06
CA SER A 187 14.92 -6.55 -22.19
C SER A 187 13.65 -6.61 -23.02
N LEU A 188 12.50 -6.68 -22.36
CA LEU A 188 11.23 -6.65 -23.08
C LEU A 188 11.13 -5.36 -23.89
N HIS A 189 11.62 -4.26 -23.33
CA HIS A 189 11.52 -2.98 -24.00
C HIS A 189 12.44 -2.91 -25.24
N SER A 190 13.66 -3.39 -25.09
CA SER A 190 14.63 -3.41 -26.18
C SER A 190 14.11 -4.21 -27.36
N LEU A 191 13.31 -5.22 -27.07
CA LEU A 191 12.74 -6.10 -28.10
C LEU A 191 11.46 -5.53 -28.71
N GLY A 192 11.03 -4.37 -28.24
CA GLY A 192 9.80 -3.78 -28.72
C GLY A 192 8.58 -4.61 -28.37
N ARG A 193 8.68 -5.38 -27.29
CA ARG A 193 7.58 -6.26 -26.89
C ARG A 193 6.94 -5.81 -25.57
N LEU A 194 7.35 -4.64 -25.07
CA LEU A 194 6.81 -4.12 -23.82
C LEU A 194 5.73 -3.07 -24.07
N GLU A 195 4.50 -3.40 -23.71
CA GLU A 195 3.40 -2.46 -23.81
C GLU A 195 3.51 -1.42 -22.71
N HIS A 196 3.71 -1.89 -21.48
CA HIS A 196 3.73 -0.99 -20.33
C HIS A 196 4.29 -1.69 -19.10
N ALA A 197 4.89 -0.91 -18.22
CA ALA A 197 5.37 -1.41 -16.94
C ALA A 197 4.64 -0.71 -15.79
N PHE A 198 4.12 -1.50 -14.85
CA PHE A 198 3.56 -0.95 -13.63
C PHE A 198 4.55 -1.22 -12.49
N CYS A 199 4.78 -0.22 -11.66
CA CYS A 199 5.62 -0.40 -10.47
C CYS A 199 4.82 0.05 -9.25
N THR A 200 4.95 -0.70 -8.16
CA THR A 200 4.25 -0.37 -6.91
C THR A 200 5.06 0.61 -6.10
N GLU A 201 4.41 1.37 -5.23
CA GLU A 201 5.12 2.31 -4.35
C GLU A 201 6.12 1.58 -3.50
N THR A 202 5.72 0.39 -3.06
CA THR A 202 6.52 -0.44 -2.16
C THR A 202 6.73 0.24 -0.80
N ARG A 203 5.65 0.38 -0.05
CA ARG A 203 5.73 0.91 1.31
C ARG A 203 6.48 -0.08 2.21
N PRO A 204 7.08 0.39 3.32
CA PRO A 204 7.10 1.79 3.77
C PRO A 204 8.38 2.55 3.39
N TYR A 205 9.32 1.92 2.70
CA TYR A 205 10.57 2.59 2.31
C TYR A 205 10.51 3.17 0.89
N ASN A 206 9.42 2.90 0.18
CA ASN A 206 9.09 3.60 -1.06
C ASN A 206 10.10 3.44 -2.18
N GLN A 207 10.82 2.32 -2.24
CA GLN A 207 11.83 2.11 -3.28
C GLN A 207 11.21 2.11 -4.67
N GLY A 208 9.95 1.67 -4.76
CA GLY A 208 9.25 1.68 -6.03
C GLY A 208 8.95 3.10 -6.50
N ALA A 209 8.43 3.92 -5.61
CA ALA A 209 8.09 5.29 -5.96
C ALA A 209 9.34 6.13 -6.18
N ARG A 210 10.37 5.91 -5.35
CA ARG A 210 11.60 6.69 -5.43
C ARG A 210 12.52 6.25 -6.57
N LEU A 211 12.81 4.96 -6.62
CA LEU A 211 13.92 4.46 -7.41
C LEU A 211 13.50 3.78 -8.70
N THR A 212 12.53 2.87 -8.63
CA THR A 212 12.09 2.16 -9.83
C THR A 212 11.42 3.12 -10.81
N ALA A 213 10.61 4.04 -10.29
CA ALA A 213 9.98 5.04 -11.13
C ALA A 213 11.07 5.89 -11.79
N PHE A 214 12.10 6.21 -11.02
CA PHE A 214 13.24 6.96 -11.54
C PHE A 214 13.89 6.25 -12.73
N GLU A 215 14.19 4.96 -12.58
CA GLU A 215 14.85 4.20 -13.64
C GLU A 215 13.99 4.10 -14.89
N LEU A 216 12.69 3.89 -14.70
CA LEU A 216 11.78 3.77 -15.82
C LEU A 216 11.69 5.07 -16.61
N VAL A 217 11.60 6.20 -15.92
CA VAL A 217 11.56 7.50 -16.58
C VAL A 217 12.88 7.73 -17.31
N TYR A 218 13.98 7.41 -16.62
CA TYR A 218 15.32 7.61 -17.15
C TYR A 218 15.53 6.92 -18.49
N GLU A 219 15.08 5.68 -18.60
CA GLU A 219 15.26 4.89 -19.82
C GLU A 219 14.08 5.08 -20.77
N GLN A 220 13.18 5.98 -20.38
CA GLN A 220 11.99 6.29 -21.17
C GLN A 220 11.19 5.04 -21.51
N ILE A 221 11.12 4.14 -20.54
CA ILE A 221 10.29 2.95 -20.65
C ILE A 221 8.87 3.37 -20.28
N PRO A 222 7.88 2.95 -21.09
CA PRO A 222 6.50 3.37 -20.80
C PRO A 222 6.02 2.75 -19.49
N ALA A 223 5.72 3.59 -18.51
CA ALA A 223 5.52 3.12 -17.15
C ALA A 223 4.53 3.94 -16.34
N THR A 224 3.92 3.28 -15.35
CA THR A 224 2.97 3.90 -14.45
C THR A 224 3.21 3.43 -13.01
N LEU A 225 3.22 4.40 -12.09
CA LEU A 225 3.35 4.12 -10.67
C LEU A 225 1.97 3.95 -10.04
N ILE A 226 1.85 2.95 -9.16
CA ILE A 226 0.62 2.71 -8.42
C ILE A 226 0.94 2.43 -6.95
N THR A 227 -0.06 2.49 -6.08
CA THR A 227 0.14 2.09 -4.70
C THR A 227 0.08 0.58 -4.61
N ASP A 228 0.58 0.04 -3.50
CA ASP A 228 0.61 -1.39 -3.29
C ASP A 228 -0.81 -1.96 -3.28
N SER A 229 -1.75 -1.15 -2.82
CA SER A 229 -3.14 -1.58 -2.69
C SER A 229 -3.86 -1.63 -4.03
N MET A 230 -3.24 -1.06 -5.05
CA MET A 230 -3.86 -0.99 -6.37
C MET A 230 -3.52 -2.18 -7.27
N VAL A 231 -2.64 -3.06 -6.81
CA VAL A 231 -2.16 -4.17 -7.63
C VAL A 231 -3.31 -5.00 -8.21
N ALA A 232 -4.26 -5.37 -7.37
CA ALA A 232 -5.39 -6.18 -7.84
C ALA A 232 -6.17 -5.45 -8.92
N ALA A 233 -6.48 -4.18 -8.67
CA ALA A 233 -7.22 -3.37 -9.63
C ALA A 233 -6.48 -3.29 -10.97
N ALA A 234 -5.16 -3.13 -10.90
CA ALA A 234 -4.36 -3.04 -12.12
C ALA A 234 -4.41 -4.34 -12.92
N MET A 235 -4.40 -5.48 -12.23
CA MET A 235 -4.43 -6.76 -12.90
C MET A 235 -5.76 -6.95 -13.62
N ALA A 236 -6.85 -6.54 -12.97
CA ALA A 236 -8.18 -6.77 -13.49
C ALA A 236 -8.57 -5.81 -14.61
N HIS A 237 -8.04 -4.59 -14.57
CA HIS A 237 -8.54 -3.51 -15.41
C HIS A 237 -7.51 -2.86 -16.35
N ARG A 238 -6.22 -3.13 -16.11
CA ARG A 238 -5.17 -2.48 -16.89
C ARG A 238 -4.28 -3.49 -17.61
N GLY A 239 -4.81 -4.69 -17.80
CA GLY A 239 -4.22 -5.67 -18.69
C GLY A 239 -2.83 -6.17 -18.34
N VAL A 240 -2.49 -6.20 -17.05
CA VAL A 240 -1.24 -6.81 -16.61
C VAL A 240 -1.19 -8.25 -17.08
N SER A 241 -0.10 -8.65 -17.73
CA SER A 241 0.01 -10.01 -18.26
C SER A 241 1.06 -10.86 -17.56
N ALA A 242 1.87 -10.23 -16.71
CA ALA A 242 2.83 -10.97 -15.89
C ALA A 242 3.38 -10.11 -14.74
N VAL A 243 3.83 -10.79 -13.70
CA VAL A 243 4.53 -10.18 -12.59
C VAL A 243 5.97 -10.70 -12.55
N VAL A 244 6.91 -9.80 -12.32
CA VAL A 244 8.31 -10.15 -12.12
C VAL A 244 8.81 -9.40 -10.91
N VAL A 245 9.33 -10.13 -9.92
CA VAL A 245 9.87 -9.53 -8.71
C VAL A 245 11.31 -9.98 -8.50
N GLY A 246 12.02 -9.29 -7.62
CA GLY A 246 13.37 -9.68 -7.26
C GLY A 246 13.35 -10.66 -6.10
N ALA A 247 14.46 -10.75 -5.39
CA ALA A 247 14.58 -11.67 -4.28
C ALA A 247 15.70 -11.24 -3.36
N ASP A 248 15.45 -11.36 -2.07
CA ASP A 248 16.48 -11.19 -1.06
C ASP A 248 17.13 -12.55 -0.83
N ARG A 249 16.31 -13.60 -0.79
CA ARG A 249 16.79 -14.96 -0.59
C ARG A 249 15.82 -16.00 -1.13
N VAL A 250 16.30 -16.83 -2.05
CA VAL A 250 15.56 -18.00 -2.52
C VAL A 250 16.17 -19.23 -1.88
N VAL A 251 15.35 -20.06 -1.26
CA VAL A 251 15.87 -21.28 -0.62
C VAL A 251 15.65 -22.49 -1.54
N ALA A 252 16.11 -23.66 -1.09
CA ALA A 252 16.28 -24.81 -1.98
C ALA A 252 15.02 -25.25 -2.72
N ASN A 253 13.85 -25.18 -2.08
CA ASN A 253 12.61 -25.59 -2.73
C ASN A 253 11.99 -24.48 -3.55
N GLY A 254 12.64 -23.32 -3.60
CA GLY A 254 12.15 -22.20 -4.37
C GLY A 254 11.37 -21.18 -3.57
N ASP A 255 11.06 -21.48 -2.30
CA ASP A 255 10.42 -20.50 -1.42
C ASP A 255 11.27 -19.23 -1.43
N THR A 256 10.61 -18.08 -1.58
CA THR A 256 11.31 -16.82 -1.81
C THR A 256 10.97 -15.77 -0.77
N ALA A 257 12.01 -15.32 -0.06
CA ALA A 257 11.90 -14.19 0.82
C ALA A 257 12.23 -12.94 0.00
N ASN A 258 11.35 -11.95 0.08
CA ASN A 258 11.53 -10.70 -0.65
C ASN A 258 10.72 -9.62 0.04
N LYS A 259 10.88 -8.37 -0.41
CA LYS A 259 10.18 -7.22 0.14
C LYS A 259 8.73 -7.51 0.44
N VAL A 260 8.34 -7.21 1.67
CA VAL A 260 6.99 -7.51 2.12
C VAL A 260 5.98 -6.97 1.10
N GLY A 261 4.96 -7.77 0.82
CA GLY A 261 4.03 -7.48 -0.25
C GLY A 261 4.22 -8.40 -1.44
N THR A 262 5.42 -8.95 -1.57
CA THR A 262 5.70 -9.89 -2.65
C THR A 262 4.75 -11.09 -2.56
N TYR A 263 4.61 -11.66 -1.37
CA TYR A 263 3.70 -12.79 -1.15
C TYR A 263 2.29 -12.41 -1.57
N GLN A 264 1.91 -11.17 -1.30
CA GLN A 264 0.60 -10.67 -1.68
C GLN A 264 0.45 -10.59 -3.20
N LEU A 265 1.45 -10.07 -3.88
CA LEU A 265 1.43 -10.00 -5.34
C LEU A 265 1.24 -11.39 -5.95
N ALA A 266 1.91 -12.39 -5.39
CA ALA A 266 1.82 -13.76 -5.91
C ALA A 266 0.40 -14.30 -5.78
N ILE A 267 -0.23 -14.03 -4.64
CA ILE A 267 -1.61 -14.44 -4.43
C ILE A 267 -2.52 -13.77 -5.44
N VAL A 268 -2.30 -12.48 -5.65
CA VAL A 268 -3.16 -11.71 -6.52
C VAL A 268 -2.93 -12.07 -7.99
N ALA A 269 -1.70 -12.43 -8.32
CA ALA A 269 -1.39 -12.90 -9.67
C ALA A 269 -2.12 -14.21 -9.95
N LYS A 270 -2.08 -15.13 -9.00
CA LYS A 270 -2.76 -16.41 -9.17
C LYS A 270 -4.25 -16.20 -9.38
N HIS A 271 -4.84 -15.27 -8.65
CA HIS A 271 -6.26 -15.01 -8.78
C HIS A 271 -6.63 -14.61 -10.20
N HIS A 272 -5.74 -13.84 -10.84
CA HIS A 272 -6.02 -13.32 -12.18
C HIS A 272 -5.41 -14.22 -13.25
N GLY A 273 -4.83 -15.33 -12.83
CA GLY A 273 -4.26 -16.29 -13.76
C GLY A 273 -3.13 -15.75 -14.60
N ILE A 274 -2.28 -14.90 -14.03
CA ILE A 274 -1.07 -14.47 -14.72
C ILE A 274 0.17 -14.98 -14.01
N PRO A 275 1.23 -15.27 -14.79
CA PRO A 275 2.44 -15.88 -14.22
C PRO A 275 3.21 -14.95 -13.30
N PHE A 276 3.74 -15.54 -12.23
CA PHE A 276 4.55 -14.84 -11.25
C PHE A 276 5.98 -15.34 -11.35
N TYR A 277 6.90 -14.42 -11.60
CA TYR A 277 8.31 -14.77 -11.73
C TYR A 277 9.12 -14.16 -10.60
N VAL A 278 10.09 -14.93 -10.11
CA VAL A 278 11.11 -14.41 -9.23
C VAL A 278 12.42 -14.37 -9.99
N ALA A 279 13.00 -13.18 -10.09
CA ALA A 279 14.30 -13.01 -10.71
C ALA A 279 15.34 -12.96 -9.60
N ALA A 280 16.31 -13.87 -9.67
CA ALA A 280 17.29 -14.03 -8.60
C ALA A 280 18.62 -14.55 -9.15
N PRO A 281 19.69 -13.77 -8.98
CA PRO A 281 21.00 -14.34 -9.32
C PRO A 281 21.29 -15.55 -8.42
N SER A 282 22.15 -16.45 -8.84
CA SER A 282 22.38 -17.69 -8.11
C SER A 282 22.91 -17.41 -6.70
N TYR A 283 23.63 -16.31 -6.52
CA TYR A 283 24.13 -15.97 -5.18
C TYR A 283 23.05 -15.40 -4.26
N SER A 284 21.84 -15.26 -4.78
CA SER A 284 20.69 -14.91 -3.95
C SER A 284 19.94 -16.19 -3.58
N CYS A 285 20.44 -17.32 -4.09
CA CYS A 285 19.87 -18.61 -3.77
C CYS A 285 20.68 -19.24 -2.65
N ASP A 286 19.97 -19.69 -1.61
CA ASP A 286 20.60 -20.23 -0.41
C ASP A 286 20.17 -21.68 -0.26
N LEU A 287 21.08 -22.60 -0.57
CA LEU A 287 20.77 -24.02 -0.55
C LEU A 287 20.91 -24.63 0.85
N ARG A 288 21.43 -23.86 1.80
CA ARG A 288 21.57 -24.34 3.17
C ARG A 288 20.21 -24.57 3.83
N LEU A 289 19.19 -23.83 3.38
CA LEU A 289 17.84 -23.98 3.92
C LEU A 289 16.96 -24.69 2.90
N GLU A 290 16.13 -25.61 3.36
CA GLU A 290 15.27 -26.38 2.48
C GLU A 290 13.96 -25.66 2.13
N THR A 291 13.39 -24.94 3.10
CA THR A 291 12.09 -24.28 2.90
C THR A 291 12.02 -22.94 3.63
N GLY A 292 11.00 -22.16 3.28
CA GLY A 292 10.81 -20.83 3.86
C GLY A 292 10.55 -20.84 5.36
N LYS A 293 10.15 -21.99 5.89
CA LYS A 293 9.94 -22.14 7.34
C LYS A 293 11.20 -21.84 8.13
N GLU A 294 12.35 -21.92 7.48
CA GLU A 294 13.63 -21.67 8.13
C GLU A 294 14.01 -20.19 8.08
N ILE A 295 13.25 -19.38 7.34
CA ILE A 295 13.59 -17.98 7.20
C ILE A 295 13.05 -17.16 8.37
N ILE A 296 13.95 -16.43 9.01
CA ILE A 296 13.61 -15.58 10.14
C ILE A 296 13.34 -14.18 9.61
N ILE A 297 12.10 -13.74 9.74
CA ILE A 297 11.70 -12.45 9.16
C ILE A 297 12.13 -11.25 10.01
N GLU A 298 12.78 -10.29 9.36
CA GLU A 298 13.17 -9.03 10.00
C GLU A 298 11.98 -8.13 10.26
N GLU A 299 11.93 -7.57 11.46
CA GLU A 299 11.00 -6.48 11.75
C GLU A 299 11.83 -5.21 11.99
N ARG A 300 11.55 -4.18 11.21
CA ARG A 300 12.23 -2.90 11.36
C ARG A 300 11.41 -2.02 12.30
N PRO A 301 11.99 -0.93 12.80
CA PRO A 301 11.30 -0.05 13.76
C PRO A 301 10.00 0.53 13.22
N GLY A 302 9.03 0.71 14.11
CA GLY A 302 7.71 1.20 13.73
C GLY A 302 7.70 2.63 13.22
N GLN A 303 8.66 3.45 13.67
CA GLN A 303 8.71 4.85 13.25
C GLN A 303 8.90 4.98 11.74
N GLU A 304 9.62 4.02 11.16
CA GLU A 304 9.93 4.07 9.74
C GLU A 304 8.72 3.73 8.87
N LEU A 305 7.63 3.36 9.53
CA LEU A 305 6.34 3.13 8.89
C LEU A 305 5.39 4.28 9.22
N THR A 306 5.37 4.70 10.48
CA THR A 306 4.46 5.75 10.92
C THR A 306 4.83 7.12 10.35
N ASP A 307 6.13 7.34 10.13
CA ASP A 307 6.63 8.62 9.65
C ASP A 307 7.03 8.57 8.18
N VAL A 308 6.82 9.68 7.49
CA VAL A 308 7.33 9.88 6.15
C VAL A 308 8.00 11.25 6.12
N ASN A 309 9.24 11.30 5.63
CA ASN A 309 9.95 12.56 5.46
C ASN A 309 10.16 13.32 6.78
N GLY A 310 10.33 12.58 7.86
CA GLY A 310 10.58 13.18 9.16
C GLY A 310 9.30 13.71 9.81
N VAL A 311 8.16 13.40 9.21
CA VAL A 311 6.87 13.84 9.75
C VAL A 311 5.95 12.63 9.96
N ARG A 312 5.38 12.54 11.16
CA ARG A 312 4.47 11.45 11.46
C ARG A 312 3.15 11.60 10.71
N ILE A 313 2.74 10.51 10.06
CA ILE A 313 1.45 10.45 9.38
C ILE A 313 0.44 9.78 10.28
N ALA A 314 0.83 8.64 10.84
CA ALA A 314 -0.09 7.80 11.59
C ALA A 314 -0.56 8.46 12.89
N ALA A 315 -1.76 8.07 13.32
CA ALA A 315 -2.29 8.54 14.59
C ALA A 315 -1.33 8.19 15.73
N PRO A 316 -1.12 9.12 16.66
CA PRO A 316 -0.26 8.83 17.82
C PRO A 316 -0.75 7.65 18.66
N GLY A 317 0.20 6.83 19.12
CA GLY A 317 -0.11 5.75 20.05
C GLY A 317 -0.46 4.40 19.43
N ILE A 318 -0.63 4.33 18.12
CA ILE A 318 -1.05 3.07 17.49
C ILE A 318 0.15 2.11 17.44
N GLY A 319 -0.08 0.86 17.84
CA GLY A 319 0.94 -0.16 17.68
C GLY A 319 1.22 -0.38 16.21
N VAL A 320 2.43 -0.85 15.90
CA VAL A 320 2.85 -1.04 14.51
C VAL A 320 3.57 -2.37 14.32
N TRP A 321 3.26 -3.03 13.20
CA TRP A 321 3.96 -4.22 12.76
C TRP A 321 4.68 -3.87 11.46
N ASN A 322 6.00 -4.01 11.45
CA ASN A 322 6.79 -3.62 10.29
C ASN A 322 7.81 -4.68 9.87
N PRO A 323 7.31 -5.83 9.40
CA PRO A 323 8.22 -6.82 8.82
C PRO A 323 8.85 -6.29 7.53
N ALA A 324 10.15 -6.50 7.36
CA ALA A 324 10.85 -6.08 6.15
C ALA A 324 10.45 -6.93 4.96
N PHE A 325 10.25 -8.23 5.21
CA PHE A 325 10.05 -9.22 4.14
C PHE A 325 8.86 -10.10 4.43
N ASP A 326 8.32 -10.71 3.40
CA ASP A 326 7.45 -11.86 3.55
C ASP A 326 8.01 -12.97 2.69
N VAL A 327 7.44 -14.17 2.81
CA VAL A 327 7.92 -15.33 2.10
C VAL A 327 6.84 -15.83 1.15
N THR A 328 7.21 -16.01 -0.11
CA THR A 328 6.29 -16.53 -1.12
C THR A 328 6.49 -18.04 -1.30
N PRO A 329 5.44 -18.84 -1.03
CA PRO A 329 5.55 -20.29 -1.25
C PRO A 329 5.80 -20.62 -2.72
N HIS A 330 6.60 -21.64 -2.97
CA HIS A 330 7.08 -21.93 -4.33
C HIS A 330 5.96 -22.23 -5.32
N ASP A 331 4.83 -22.74 -4.84
CA ASP A 331 3.77 -23.10 -5.78
C ASP A 331 2.97 -21.90 -6.30
N LEU A 332 3.27 -20.71 -5.78
CA LEU A 332 2.74 -19.47 -6.36
C LEU A 332 3.69 -18.88 -7.39
N ILE A 333 4.91 -19.40 -7.44
CA ILE A 333 5.86 -19.00 -8.46
C ILE A 333 5.54 -19.77 -9.74
N THR A 334 4.48 -19.33 -10.39
CA THR A 334 3.92 -19.98 -11.55
C THR A 334 4.66 -19.64 -12.85
N GLY A 335 5.37 -18.52 -12.85
CA GLY A 335 6.18 -18.15 -13.99
C GLY A 335 7.44 -18.98 -13.97
N GLY A 336 8.16 -18.89 -12.86
CA GLY A 336 9.43 -19.56 -12.71
C GLY A 336 10.41 -18.72 -11.94
N ILE A 337 11.57 -19.31 -11.65
CA ILE A 337 12.66 -18.59 -11.04
C ILE A 337 13.70 -18.31 -12.11
N ILE A 338 13.97 -17.03 -12.34
CA ILE A 338 14.89 -16.59 -13.38
C ILE A 338 16.26 -16.32 -12.80
N THR A 339 17.21 -17.22 -13.07
CA THR A 339 18.59 -17.04 -12.68
C THR A 339 19.37 -16.63 -13.91
N GLU A 340 20.66 -16.36 -13.75
CA GLU A 340 21.49 -16.03 -14.90
C GLU A 340 21.65 -17.23 -15.85
N LEU A 341 21.24 -18.41 -15.40
CA LEU A 341 21.26 -19.60 -16.24
C LEU A 341 19.97 -19.76 -17.01
N GLY A 342 18.97 -18.95 -16.66
CA GLY A 342 17.66 -19.04 -17.26
C GLY A 342 16.60 -19.42 -16.25
N VAL A 343 15.46 -19.88 -16.74
CA VAL A 343 14.26 -19.98 -15.94
C VAL A 343 13.96 -21.40 -15.50
N PHE A 344 13.85 -21.59 -14.19
CA PHE A 344 13.59 -22.90 -13.60
C PHE A 344 12.27 -22.93 -12.86
N ALA A 345 11.57 -24.06 -12.95
CA ALA A 345 10.48 -24.31 -12.02
C ALA A 345 11.13 -24.54 -10.64
N PRO A 346 10.42 -24.22 -9.55
CA PRO A 346 10.97 -24.42 -8.20
C PRO A 346 11.56 -25.82 -7.96
N GLU A 347 10.90 -26.87 -8.46
CA GLU A 347 11.39 -28.25 -8.29
C GLU A 347 12.76 -28.49 -8.93
N GLU A 348 13.08 -27.72 -9.96
CA GLU A 348 14.33 -27.92 -10.71
C GLU A 348 15.51 -27.19 -10.08
N LEU A 349 15.24 -26.26 -9.16
CA LEU A 349 16.26 -25.30 -8.75
C LEU A 349 17.44 -25.91 -7.99
N ARG A 350 17.16 -26.78 -7.02
CA ARG A 350 18.23 -27.38 -6.23
C ARG A 350 19.24 -28.07 -7.13
N THR A 351 18.74 -28.97 -7.97
CA THR A 351 19.60 -29.71 -8.89
C THR A 351 20.41 -28.77 -9.78
N ALA A 352 19.74 -27.75 -10.30
CA ALA A 352 20.38 -26.83 -11.25
C ALA A 352 21.54 -26.05 -10.63
N LEU A 353 21.47 -25.77 -9.33
CA LEU A 353 22.45 -24.90 -8.70
C LEU A 353 23.53 -25.60 -7.89
N THR A 354 23.43 -26.92 -7.74
CA THR A 354 24.53 -27.69 -7.14
C THR A 354 25.53 -28.08 -8.23
N THR B 2 -18.07 6.08 22.25
CA THR B 2 -18.11 7.35 22.96
C THR B 2 -17.38 8.44 22.17
N LEU B 3 -16.70 8.04 21.09
CA LEU B 3 -16.09 9.02 20.19
C LEU B 3 -17.18 9.63 19.33
N GLU B 4 -17.28 10.95 19.37
CA GLU B 4 -18.32 11.66 18.64
C GLU B 4 -17.73 12.70 17.70
N ALA B 5 -17.92 12.50 16.40
CA ALA B 5 -17.54 13.49 15.41
C ALA B 5 -18.65 14.53 15.28
N ILE B 6 -19.84 14.16 15.75
CA ILE B 6 -20.94 15.09 15.83
C ILE B 6 -21.48 15.12 17.26
N ARG B 7 -21.56 16.33 17.82
CA ARG B 7 -22.17 16.54 19.13
C ARG B 7 -23.37 17.44 18.97
N TYR B 8 -24.53 16.96 19.41
CA TYR B 8 -25.74 17.73 19.26
C TYR B 8 -26.68 17.67 20.46
N SER B 9 -27.17 18.84 20.83
CA SER B 9 -28.27 18.99 21.76
C SER B 9 -29.13 20.10 21.20
N ARG B 10 -30.38 20.17 21.64
CA ARG B 10 -31.26 21.24 21.19
C ARG B 10 -30.58 22.60 21.35
N GLY B 11 -30.52 23.35 20.26
CA GLY B 11 -29.91 24.66 20.27
C GLY B 11 -28.39 24.62 20.25
N SER B 12 -27.82 23.43 20.08
CA SER B 12 -26.37 23.26 20.23
C SER B 12 -25.78 22.17 19.34
N LEU B 13 -24.95 22.60 18.38
CA LEU B 13 -24.28 21.68 17.47
C LEU B 13 -22.78 21.90 17.47
N GLN B 14 -22.02 20.82 17.69
CA GLN B 14 -20.57 20.86 17.60
C GLN B 14 -20.05 19.76 16.68
N ILE B 15 -18.95 20.03 15.98
CA ILE B 15 -18.33 19.05 15.10
C ILE B 15 -16.85 18.91 15.39
N LEU B 16 -16.33 17.70 15.30
CA LEU B 16 -14.91 17.46 15.42
C LEU B 16 -14.21 17.89 14.14
N ASP B 17 -13.22 18.77 14.24
CA ASP B 17 -12.49 19.30 13.08
C ASP B 17 -11.50 18.28 12.51
N GLN B 18 -11.90 17.60 11.42
CA GLN B 18 -11.08 16.52 10.85
C GLN B 18 -9.73 16.98 10.33
N LEU B 19 -9.64 18.25 9.95
CA LEU B 19 -8.38 18.80 9.41
C LEU B 19 -7.27 18.75 10.45
N LEU B 20 -7.63 18.87 11.73
CA LEU B 20 -6.65 18.86 12.81
C LEU B 20 -6.22 17.45 13.20
N LEU B 21 -7.03 16.45 12.84
CA LEU B 21 -6.70 15.07 13.19
C LEU B 21 -5.52 14.58 12.37
N PRO B 22 -4.73 13.64 12.92
CA PRO B 22 -4.90 13.00 14.22
C PRO B 22 -4.05 13.60 15.34
N LYS B 23 -3.22 14.59 15.03
CA LYS B 23 -2.36 15.22 16.03
C LYS B 23 -3.23 15.83 17.14
N GLN B 24 -4.28 16.53 16.74
CA GLN B 24 -5.17 17.18 17.70
C GLN B 24 -6.64 16.88 17.42
N SER B 25 -7.38 16.58 18.48
CA SER B 25 -8.82 16.45 18.42
C SER B 25 -9.45 17.70 19.05
N ARG B 26 -10.27 18.41 18.28
CA ARG B 26 -10.91 19.61 18.79
C ARG B 26 -12.23 19.89 18.08
N TYR B 27 -13.18 20.47 18.81
CA TYR B 27 -14.49 20.77 18.27
C TYR B 27 -14.64 22.22 17.87
N GLU B 28 -15.55 22.45 16.92
CA GLU B 28 -15.92 23.78 16.49
C GLU B 28 -17.42 23.90 16.70
N ALA B 29 -17.87 25.02 17.25
CA ALA B 29 -19.29 25.27 17.39
C ALA B 29 -19.89 25.67 16.04
N VAL B 30 -21.04 25.10 15.71
CA VAL B 30 -21.73 25.41 14.46
C VAL B 30 -23.02 26.15 14.77
N GLY B 31 -23.02 27.45 14.47
CA GLY B 31 -24.10 28.32 14.85
C GLY B 31 -25.14 28.55 13.76
N SER B 32 -24.74 28.34 12.51
CA SER B 32 -25.61 28.64 11.38
C SER B 32 -25.45 27.68 10.22
N VAL B 33 -26.48 27.61 9.38
CA VAL B 33 -26.43 26.83 8.15
C VAL B 33 -25.20 27.23 7.35
N HIS B 34 -24.88 28.52 7.32
CA HIS B 34 -23.75 28.96 6.52
C HIS B 34 -22.44 28.42 7.09
N GLN B 35 -22.34 28.39 8.41
CA GLN B 35 -21.16 27.83 9.07
C GLN B 35 -20.98 26.36 8.69
N ALA B 36 -22.08 25.62 8.71
CA ALA B 36 -22.05 24.22 8.33
C ALA B 36 -21.54 24.07 6.90
N TRP B 37 -22.11 24.87 6.01
CA TRP B 37 -21.75 24.83 4.59
C TRP B 37 -20.25 25.01 4.41
N GLU B 38 -19.68 25.99 5.11
CA GLU B 38 -18.25 26.27 5.01
C GLU B 38 -17.39 25.17 5.63
N ALA B 39 -17.87 24.58 6.71
CA ALA B 39 -17.15 23.50 7.36
C ALA B 39 -17.12 22.27 6.47
N ILE B 40 -18.27 21.95 5.88
CA ILE B 40 -18.38 20.81 4.99
C ILE B 40 -17.43 21.01 3.81
N ARG B 41 -17.41 22.22 3.27
CA ARG B 41 -16.60 22.48 2.08
C ARG B 41 -15.11 22.50 2.39
N ALA B 42 -14.76 22.92 3.59
CA ALA B 42 -13.35 22.95 4.01
C ALA B 42 -12.87 21.54 4.42
N MET B 43 -13.76 20.55 4.30
CA MET B 43 -13.44 19.15 4.61
C MET B 43 -13.21 18.94 6.11
N LYS B 44 -13.87 19.76 6.93
CA LYS B 44 -13.85 19.58 8.37
C LYS B 44 -14.79 18.44 8.78
N VAL B 45 -15.80 18.21 7.96
CA VAL B 45 -16.76 17.14 8.17
C VAL B 45 -16.56 16.12 7.06
N ARG B 46 -16.36 14.87 7.43
CA ARG B 46 -16.11 13.79 6.48
C ARG B 46 -17.18 12.72 6.61
N GLY B 47 -17.59 12.18 5.46
CA GLY B 47 -18.59 11.13 5.41
C GLY B 47 -19.96 11.68 5.02
N ALA B 48 -20.52 11.11 3.95
CA ALA B 48 -21.79 11.59 3.41
C ALA B 48 -22.93 11.59 4.43
N PRO B 49 -23.03 10.53 5.25
CA PRO B 49 -24.07 10.54 6.28
C PRO B 49 -23.86 11.64 7.31
N ALA B 50 -22.60 11.89 7.66
CA ALA B 50 -22.24 12.89 8.65
C ALA B 50 -22.45 14.30 8.10
N ILE B 51 -22.08 14.48 6.84
CA ILE B 51 -22.28 15.73 6.12
C ILE B 51 -23.76 16.10 6.10
N ALA B 52 -24.60 15.11 5.82
CA ALA B 52 -26.03 15.34 5.73
C ALA B 52 -26.61 15.78 7.08
N LEU B 53 -26.24 15.06 8.14
CA LEU B 53 -26.70 15.38 9.48
C LEU B 53 -26.21 16.75 9.98
N VAL B 54 -24.93 17.05 9.76
CA VAL B 54 -24.40 18.33 10.20
C VAL B 54 -25.17 19.48 9.56
N GLY B 55 -25.47 19.34 8.27
CA GLY B 55 -26.23 20.37 7.58
C GLY B 55 -27.65 20.48 8.10
N CYS B 56 -28.31 19.34 8.27
CA CYS B 56 -29.70 19.34 8.72
C CYS B 56 -29.82 19.81 10.16
N LEU B 57 -28.87 19.41 11.00
CA LEU B 57 -28.86 19.83 12.39
C LEU B 57 -28.52 21.33 12.49
N SER B 58 -27.72 21.83 11.56
CA SER B 58 -27.39 23.26 11.58
C SER B 58 -28.62 24.08 11.22
N LEU B 59 -29.52 23.50 10.43
CA LEU B 59 -30.80 24.13 10.17
C LEU B 59 -31.64 24.11 11.44
N ALA B 60 -31.60 22.98 12.14
CA ALA B 60 -32.38 22.81 13.38
C ALA B 60 -31.91 23.78 14.47
N VAL B 61 -30.62 24.11 14.47
CA VAL B 61 -30.07 25.08 15.41
C VAL B 61 -30.63 26.45 15.07
N GLU B 62 -30.67 26.80 13.79
CA GLU B 62 -31.22 28.08 13.36
C GLU B 62 -32.70 28.19 13.74
N LEU B 63 -33.46 27.14 13.43
CA LEU B 63 -34.89 27.13 13.69
C LEU B 63 -35.18 27.26 15.18
N GLN B 64 -34.38 26.59 16.00
CA GLN B 64 -34.57 26.62 17.45
C GLN B 64 -34.36 28.04 17.98
N ALA B 65 -33.54 28.80 17.27
CA ALA B 65 -33.27 30.19 17.63
C ALA B 65 -34.36 31.12 17.10
N GLY B 66 -35.34 30.56 16.39
CA GLY B 66 -36.46 31.32 15.87
C GLY B 66 -36.25 31.83 14.46
N ALA B 67 -35.17 31.40 13.83
CA ALA B 67 -34.86 31.85 12.47
C ALA B 67 -35.94 31.41 11.49
N GLY B 68 -36.05 32.14 10.38
CA GLY B 68 -37.08 31.88 9.40
C GLY B 68 -38.37 32.60 9.78
N GLY B 69 -39.27 32.74 8.83
CA GLY B 69 -40.55 33.37 9.08
C GLY B 69 -40.42 34.88 9.24
N PRO B 70 -41.46 35.53 9.76
CA PRO B 70 -42.68 34.91 10.29
C PRO B 70 -43.70 34.65 9.19
N GLY B 71 -44.68 33.79 9.50
CA GLY B 71 -45.60 33.27 8.51
C GLY B 71 -45.31 31.79 8.38
N LEU B 72 -45.91 31.15 7.38
CA LEU B 72 -45.65 29.75 7.09
C LEU B 72 -44.91 29.66 5.77
N ALA B 73 -45.45 30.34 4.76
CA ALA B 73 -44.81 30.40 3.46
C ALA B 73 -43.40 30.94 3.60
N ALA B 74 -43.24 31.93 4.48
CA ALA B 74 -41.92 32.49 4.75
C ALA B 74 -41.04 31.43 5.40
N LEU B 75 -41.60 30.68 6.34
CA LEU B 75 -40.82 29.68 7.05
C LEU B 75 -40.48 28.50 6.13
N VAL B 76 -41.48 27.97 5.45
CA VAL B 76 -41.26 26.87 4.53
C VAL B 76 -40.26 27.29 3.46
N ALA B 77 -40.40 28.52 2.96
CA ALA B 77 -39.45 29.04 1.99
C ALA B 77 -38.05 29.12 2.60
N PHE B 78 -37.99 29.57 3.85
CA PHE B 78 -36.73 29.65 4.56
C PHE B 78 -36.08 28.27 4.68
N VAL B 79 -36.87 27.29 5.07
CA VAL B 79 -36.40 25.92 5.21
C VAL B 79 -35.85 25.40 3.89
N ARG B 80 -36.61 25.61 2.83
CA ARG B 80 -36.28 25.07 1.52
C ARG B 80 -35.02 25.69 0.93
N ASP B 81 -34.82 26.98 1.16
CA ASP B 81 -33.63 27.66 0.64
C ASP B 81 -32.40 27.24 1.43
N LYS B 82 -32.58 27.02 2.74
CA LYS B 82 -31.48 26.57 3.57
C LYS B 82 -31.06 25.15 3.16
N LEU B 83 -32.06 24.28 3.00
CA LEU B 83 -31.80 22.91 2.61
C LEU B 83 -31.17 22.84 1.22
N SER B 84 -31.74 23.57 0.27
CA SER B 84 -31.21 23.60 -1.09
C SER B 84 -29.78 24.14 -1.14
N PHE B 85 -29.49 25.14 -0.31
CA PHE B 85 -28.14 25.68 -0.21
C PHE B 85 -27.19 24.62 0.36
N LEU B 86 -27.66 23.88 1.36
CA LEU B 86 -26.88 22.80 1.98
C LEU B 86 -26.49 21.75 0.93
N VAL B 87 -27.40 21.43 0.02
CA VAL B 87 -27.12 20.42 -1.00
C VAL B 87 -25.92 20.82 -1.86
N THR B 88 -25.67 22.12 -1.98
CA THR B 88 -24.57 22.62 -2.81
C THR B 88 -23.19 22.50 -2.17
N ALA B 89 -23.14 22.21 -0.87
CA ALA B 89 -21.86 22.18 -0.15
C ALA B 89 -20.91 21.12 -0.73
N ARG B 90 -21.27 19.85 -0.57
CA ARG B 90 -20.51 18.75 -1.16
C ARG B 90 -21.46 17.78 -1.85
N PRO B 91 -21.81 18.07 -3.11
CA PRO B 91 -22.78 17.24 -3.84
C PRO B 91 -22.21 15.89 -4.29
N THR B 92 -21.01 15.55 -3.83
CA THR B 92 -20.36 14.30 -4.22
C THR B 92 -21.15 13.06 -3.80
N ALA B 93 -22.11 13.23 -2.90
CA ALA B 93 -22.92 12.11 -2.46
C ALA B 93 -24.35 12.53 -2.10
N VAL B 94 -25.24 11.54 -2.09
CA VAL B 94 -26.67 11.75 -2.19
C VAL B 94 -27.38 11.96 -0.85
N ASN B 95 -26.72 11.59 0.24
CA ASN B 95 -27.34 11.65 1.57
C ASN B 95 -27.96 13.00 1.92
N MET B 96 -27.22 14.08 1.67
CA MET B 96 -27.74 15.41 1.97
C MET B 96 -28.98 15.70 1.13
N ALA B 97 -28.91 15.41 -0.17
CA ALA B 97 -30.04 15.67 -1.05
C ALA B 97 -31.28 14.89 -0.61
N ARG B 98 -31.08 13.63 -0.21
CA ARG B 98 -32.19 12.80 0.23
C ARG B 98 -32.78 13.31 1.53
N ALA B 99 -31.93 13.71 2.47
CA ALA B 99 -32.41 14.26 3.74
C ALA B 99 -33.11 15.59 3.52
N ALA B 100 -32.62 16.37 2.56
CA ALA B 100 -33.21 17.66 2.24
C ALA B 100 -34.63 17.51 1.71
N ARG B 101 -34.85 16.51 0.84
CA ARG B 101 -36.20 16.25 0.33
C ARG B 101 -37.14 15.89 1.46
N ASP B 102 -36.72 14.93 2.29
CA ASP B 102 -37.54 14.48 3.40
C ASP B 102 -37.97 15.64 4.30
N LEU B 103 -37.00 16.44 4.74
CA LEU B 103 -37.30 17.58 5.59
C LEU B 103 -38.17 18.60 4.87
N ALA B 104 -37.89 18.82 3.58
CA ALA B 104 -38.70 19.72 2.78
C ALA B 104 -40.12 19.19 2.69
N ASP B 105 -40.26 17.88 2.51
CA ASP B 105 -41.57 17.26 2.45
C ASP B 105 -42.26 17.32 3.82
N VAL B 106 -41.53 17.02 4.89
CA VAL B 106 -42.09 17.10 6.24
C VAL B 106 -42.61 18.52 6.48
N ALA B 107 -41.84 19.53 6.08
CA ALA B 107 -42.25 20.91 6.28
C ALA B 107 -43.42 21.30 5.37
N ALA B 108 -43.50 20.70 4.19
CA ALA B 108 -44.64 20.92 3.31
C ALA B 108 -45.82 20.07 3.77
N ARG B 109 -45.53 18.81 4.10
CA ARG B 109 -46.53 17.94 4.70
C ARG B 109 -46.78 18.38 6.13
N GLU B 110 -45.95 19.29 6.64
CA GLU B 110 -46.34 20.05 7.81
C GLU B 110 -46.34 21.55 7.48
N ALA B 111 -46.95 21.91 6.34
CA ALA B 111 -47.33 23.29 6.04
C ALA B 111 -48.74 23.35 5.38
N GLU B 112 -49.21 22.19 4.90
CA GLU B 112 -50.56 22.03 4.34
C GLU B 112 -51.59 21.23 5.18
N ARG B 113 -51.66 21.37 6.51
CA ARG B 113 -52.67 20.61 7.28
C ARG B 113 -53.73 21.57 7.75
N GLU B 114 -54.70 21.02 8.48
CA GLU B 114 -55.82 21.78 8.96
C GLU B 114 -55.47 22.46 10.27
N GLY B 115 -55.47 23.78 10.25
CA GLY B 115 -55.07 24.56 11.42
C GLY B 115 -53.57 24.61 11.53
N ALA B 116 -52.90 24.57 10.38
CA ALA B 116 -51.46 24.63 10.31
C ALA B 116 -50.96 25.95 10.87
N THR B 117 -49.79 25.93 11.50
CA THR B 117 -49.27 27.09 12.20
C THR B 117 -47.74 27.07 12.22
N GLU B 118 -47.13 28.25 12.37
CA GLU B 118 -45.68 28.41 12.29
C GLU B 118 -44.92 27.58 13.34
N GLU B 119 -45.31 27.71 14.60
CA GLU B 119 -44.65 26.99 15.69
C GLU B 119 -44.64 25.47 15.44
N ALA B 120 -45.72 24.97 14.85
CA ALA B 120 -45.84 23.54 14.58
C ALA B 120 -44.83 23.08 13.53
N VAL B 121 -44.71 23.85 12.46
CA VAL B 121 -43.74 23.57 11.41
C VAL B 121 -42.33 23.60 12.00
N ARG B 122 -42.06 24.63 12.78
CA ARG B 122 -40.74 24.83 13.36
C ARG B 122 -40.35 23.61 14.19
N GLU B 123 -41.21 23.22 15.12
CA GLU B 123 -40.92 22.11 16.02
C GLU B 123 -40.82 20.78 15.28
N ARG B 124 -41.73 20.53 14.35
CA ARG B 124 -41.75 19.25 13.65
C ARG B 124 -40.53 19.04 12.74
N VAL B 125 -40.12 20.09 12.02
CA VAL B 125 -38.91 20.00 11.19
C VAL B 125 -37.71 19.66 12.07
N ILE B 126 -37.62 20.32 13.22
CA ILE B 126 -36.54 20.08 14.17
C ILE B 126 -36.58 18.64 14.67
N CYS B 127 -37.76 18.16 15.02
CA CYS B 127 -37.92 16.83 15.58
C CYS B 127 -37.58 15.72 14.59
N CYS B 128 -37.91 15.92 13.32
CA CYS B 128 -37.55 14.93 12.31
C CYS B 128 -36.04 14.89 12.17
N THR B 129 -35.43 16.07 12.18
CA THR B 129 -33.98 16.18 12.09
C THR B 129 -33.32 15.45 13.25
N GLU B 130 -33.93 15.54 14.43
CA GLU B 130 -33.40 14.85 15.60
C GLU B 130 -33.71 13.36 15.53
N ASP B 131 -34.78 13.00 14.83
CA ASP B 131 -35.08 11.60 14.59
C ASP B 131 -34.09 11.01 13.60
N MET B 132 -33.73 11.78 12.57
CA MET B 132 -32.74 11.36 11.59
C MET B 132 -31.45 10.97 12.27
N LEU B 133 -31.02 11.82 13.21
CA LEU B 133 -29.78 11.61 13.94
C LEU B 133 -29.82 10.31 14.73
N GLU B 134 -30.86 10.14 15.54
CA GLU B 134 -30.97 8.94 16.38
C GLU B 134 -31.07 7.67 15.55
N LYS B 135 -31.81 7.74 14.45
CA LYS B 135 -32.00 6.57 13.60
C LYS B 135 -30.66 6.14 13.01
N ASP B 136 -29.90 7.11 12.55
CA ASP B 136 -28.62 6.84 11.91
C ASP B 136 -27.65 6.24 12.91
N LEU B 137 -27.67 6.75 14.14
CA LEU B 137 -26.83 6.22 15.21
C LEU B 137 -27.27 4.83 15.61
N ARG B 138 -28.59 4.62 15.66
CA ARG B 138 -29.13 3.34 16.04
C ARG B 138 -28.86 2.29 14.95
N ASP B 139 -28.98 2.69 13.69
CA ASP B 139 -28.74 1.79 12.58
C ASP B 139 -27.28 1.36 12.53
N ASN B 140 -26.39 2.32 12.77
CA ASN B 140 -24.97 2.03 12.86
C ASN B 140 -24.69 1.02 13.96
N ARG B 141 -25.27 1.24 15.14
CA ARG B 141 -25.15 0.29 16.24
C ARG B 141 -25.71 -1.08 15.85
N SER B 142 -26.80 -1.06 15.07
CA SER B 142 -27.41 -2.30 14.62
C SER B 142 -26.48 -3.04 13.66
N ILE B 143 -25.82 -2.30 12.79
CA ILE B 143 -24.86 -2.89 11.87
C ILE B 143 -23.76 -3.54 12.70
N GLY B 144 -23.29 -2.83 13.71
CA GLY B 144 -22.23 -3.33 14.57
C GLY B 144 -22.60 -4.61 15.28
N ASP B 145 -23.81 -4.64 15.84
CA ASP B 145 -24.23 -5.78 16.66
C ASP B 145 -24.62 -6.97 15.79
N LEU B 146 -25.42 -6.71 14.77
CA LEU B 146 -25.81 -7.76 13.83
C LEU B 146 -24.60 -8.38 13.14
N GLY B 147 -23.67 -7.53 12.69
CA GLY B 147 -22.47 -8.00 12.05
C GLY B 147 -21.57 -8.76 12.99
N ALA B 148 -21.47 -8.30 14.23
CA ALA B 148 -20.62 -8.96 15.21
C ALA B 148 -21.16 -10.34 15.51
N ARG B 149 -22.48 -10.45 15.70
CA ARG B 149 -23.07 -11.74 15.99
C ARG B 149 -22.83 -12.73 14.86
N HIS B 150 -23.13 -12.31 13.64
CA HIS B 150 -23.01 -13.18 12.48
C HIS B 150 -21.57 -13.63 12.28
N LEU B 151 -20.63 -12.70 12.47
CA LEU B 151 -19.20 -13.01 12.34
C LEU B 151 -18.77 -14.01 13.40
N LEU B 152 -19.24 -13.82 14.62
CA LEU B 152 -18.89 -14.74 15.70
C LEU B 152 -19.44 -16.15 15.43
N GLU B 153 -20.68 -16.23 14.95
CA GLU B 153 -21.28 -17.52 14.64
C GLU B 153 -20.56 -18.24 13.51
N ARG B 154 -19.97 -17.47 12.59
CA ARG B 154 -19.28 -18.05 11.45
C ARG B 154 -17.86 -18.47 11.81
N VAL B 155 -17.21 -17.73 12.70
CA VAL B 155 -15.76 -17.90 12.93
C VAL B 155 -15.42 -18.52 14.30
N ALA B 156 -16.16 -18.16 15.34
CA ALA B 156 -15.90 -18.69 16.68
C ALA B 156 -17.20 -18.88 17.46
N PRO B 157 -18.12 -19.70 16.93
CA PRO B 157 -19.47 -19.87 17.48
C PRO B 157 -19.49 -20.43 18.90
N SER B 158 -18.45 -21.16 19.29
CA SER B 158 -18.43 -21.84 20.59
C SER B 158 -17.87 -20.96 21.69
N GLY B 159 -17.87 -19.65 21.46
CA GLY B 159 -17.11 -18.73 22.30
C GLY B 159 -15.76 -18.64 21.63
N GLY B 160 -14.81 -17.95 22.23
CA GLY B 160 -13.51 -17.80 21.60
C GLY B 160 -13.48 -16.50 20.83
N LYS B 161 -12.35 -15.81 20.89
CA LYS B 161 -12.24 -14.45 20.37
C LYS B 161 -11.90 -14.44 18.89
N VAL B 162 -11.93 -13.25 18.29
CA VAL B 162 -11.59 -13.09 16.89
C VAL B 162 -10.61 -11.94 16.64
N THR B 163 -9.79 -12.12 15.61
CA THR B 163 -8.87 -11.11 15.15
C THR B 163 -9.41 -10.57 13.84
N VAL B 164 -9.71 -9.27 13.83
CA VAL B 164 -10.36 -8.65 12.68
C VAL B 164 -9.42 -7.68 11.98
N LEU B 165 -9.46 -7.70 10.64
CA LEU B 165 -8.68 -6.77 9.84
C LEU B 165 -9.63 -5.88 9.05
N THR B 166 -9.36 -4.59 9.05
CA THR B 166 -10.18 -3.65 8.31
C THR B 166 -9.36 -2.69 7.43
N HIS B 167 -10.06 -1.81 6.70
CA HIS B 167 -9.50 -1.05 5.60
C HIS B 167 -10.17 0.31 5.53
N CYS B 168 -9.39 1.34 5.19
CA CYS B 168 -9.88 2.72 5.17
C CYS B 168 -10.45 3.13 6.54
N ASN B 169 -11.40 4.06 6.56
CA ASN B 169 -12.07 4.46 7.80
C ASN B 169 -13.58 4.48 7.68
N THR B 170 -14.22 3.77 8.60
CA THR B 170 -15.67 3.58 8.56
C THR B 170 -16.25 3.80 9.94
N GLY B 171 -15.50 4.51 10.77
CA GLY B 171 -15.84 4.65 12.18
C GLY B 171 -16.69 5.88 12.46
N ALA B 172 -16.48 6.44 13.64
CA ALA B 172 -17.17 7.66 14.04
C ALA B 172 -16.75 8.82 13.15
N LEU B 173 -15.59 8.67 12.51
CA LEU B 173 -15.01 9.71 11.66
C LEU B 173 -15.44 9.59 10.20
N ALA B 174 -16.37 8.67 9.92
CA ALA B 174 -16.95 8.52 8.59
C ALA B 174 -18.48 8.56 8.65
N THR B 175 -19.01 8.71 9.86
CA THR B 175 -20.44 8.54 10.10
C THR B 175 -20.91 9.46 11.22
N ALA B 176 -22.21 9.40 11.50
CA ALA B 176 -22.81 10.15 12.59
C ALA B 176 -22.20 9.75 13.93
N GLY B 177 -21.82 8.48 14.04
CA GLY B 177 -21.24 7.94 15.25
C GLY B 177 -21.22 6.43 15.22
N TYR B 178 -20.30 5.85 16.00
CA TYR B 178 -20.18 4.40 16.16
C TYR B 178 -19.57 3.71 14.94
N GLY B 179 -20.11 4.00 13.76
CA GLY B 179 -19.52 3.51 12.51
C GLY B 179 -20.17 2.27 11.94
N THR B 180 -19.59 1.76 10.85
CA THR B 180 -20.13 0.57 10.19
C THR B 180 -19.22 -0.63 10.42
N ALA B 181 -18.15 -0.76 9.64
CA ALA B 181 -17.22 -1.88 9.83
C ALA B 181 -16.51 -1.73 11.17
N LEU B 182 -16.14 -0.50 11.50
CA LEU B 182 -15.51 -0.22 12.79
C LEU B 182 -16.55 -0.36 13.90
N GLY B 183 -17.81 -0.17 13.56
CA GLY B 183 -18.90 -0.46 14.48
C GLY B 183 -18.93 -1.94 14.85
N VAL B 184 -18.67 -2.80 13.88
CA VAL B 184 -18.61 -4.24 14.11
C VAL B 184 -17.47 -4.53 15.09
N ILE B 185 -16.35 -3.87 14.89
CA ILE B 185 -15.19 -4.03 15.77
C ILE B 185 -15.50 -3.53 17.19
N ARG B 186 -16.23 -2.42 17.29
CA ARG B 186 -16.63 -1.89 18.60
C ARG B 186 -17.54 -2.88 19.31
N SER B 187 -18.52 -3.40 18.59
CA SER B 187 -19.44 -4.36 19.16
C SER B 187 -18.73 -5.64 19.63
N LEU B 188 -17.76 -6.11 18.86
CA LEU B 188 -16.99 -7.28 19.26
C LEU B 188 -16.20 -7.01 20.52
N HIS B 189 -15.62 -5.81 20.60
CA HIS B 189 -14.83 -5.44 21.76
C HIS B 189 -15.71 -5.38 23.01
N SER B 190 -16.91 -4.79 22.87
CA SER B 190 -17.84 -4.67 23.98
C SER B 190 -18.23 -6.04 24.54
N LEU B 191 -18.47 -6.98 23.64
CA LEU B 191 -18.81 -8.35 24.01
C LEU B 191 -17.64 -9.09 24.64
N GLY B 192 -16.46 -8.49 24.61
CA GLY B 192 -15.26 -9.13 25.11
C GLY B 192 -14.78 -10.27 24.21
N ARG B 193 -15.09 -10.19 22.92
CA ARG B 193 -14.80 -11.27 21.98
C ARG B 193 -13.77 -10.86 20.93
N LEU B 194 -13.17 -9.69 21.08
CA LEU B 194 -12.16 -9.19 20.14
C LEU B 194 -10.75 -9.40 20.67
N GLU B 195 -10.00 -10.26 20.00
CA GLU B 195 -8.61 -10.49 20.35
C GLU B 195 -7.75 -9.30 19.93
N HIS B 196 -7.93 -8.85 18.70
CA HIS B 196 -7.10 -7.80 18.15
C HIS B 196 -7.70 -7.27 16.87
N ALA B 197 -7.46 -5.99 16.57
CA ALA B 197 -7.87 -5.39 15.32
C ALA B 197 -6.66 -4.91 14.53
N PHE B 198 -6.58 -5.32 13.27
CA PHE B 198 -5.57 -4.81 12.36
C PHE B 198 -6.20 -3.80 11.43
N CYS B 199 -5.46 -2.74 11.12
CA CYS B 199 -5.93 -1.74 10.18
C CYS B 199 -4.82 -1.35 9.23
N THR B 200 -5.17 -1.19 7.95
CA THR B 200 -4.20 -0.84 6.92
C THR B 200 -4.07 0.66 6.79
N GLU B 201 -2.94 1.11 6.24
CA GLU B 201 -2.71 2.53 6.00
C GLU B 201 -3.79 3.09 5.07
N THR B 202 -4.15 2.30 4.07
CA THR B 202 -5.05 2.73 3.02
C THR B 202 -4.47 3.92 2.24
N ARG B 203 -3.37 3.67 1.53
CA ARG B 203 -2.82 4.67 0.63
C ARG B 203 -3.84 4.99 -0.48
N PRO B 204 -3.72 6.17 -1.11
CA PRO B 204 -2.75 7.22 -0.83
C PRO B 204 -3.28 8.32 0.12
N TYR B 205 -4.54 8.22 0.53
CA TYR B 205 -5.15 9.24 1.40
C TYR B 205 -5.00 8.90 2.88
N ASN B 206 -4.55 7.69 3.17
CA ASN B 206 -4.02 7.32 4.48
C ASN B 206 -5.04 7.40 5.62
N GLN B 207 -6.32 7.18 5.31
CA GLN B 207 -7.38 7.34 6.30
C GLN B 207 -7.36 6.25 7.36
N GLY B 208 -6.77 5.10 7.03
CA GLY B 208 -6.60 4.04 8.01
C GLY B 208 -5.51 4.38 9.00
N ALA B 209 -4.40 4.91 8.50
CA ALA B 209 -3.28 5.34 9.34
C ALA B 209 -3.65 6.58 10.15
N ARG B 210 -4.34 7.53 9.51
CA ARG B 210 -4.71 8.79 10.15
C ARG B 210 -5.93 8.67 11.06
N LEU B 211 -7.01 8.10 10.56
CA LEU B 211 -8.29 8.14 11.26
C LEU B 211 -8.66 6.85 11.99
N THR B 212 -8.51 5.71 11.34
CA THR B 212 -8.89 4.44 11.97
C THR B 212 -7.98 4.16 13.16
N ALA B 213 -6.68 4.40 12.98
CA ALA B 213 -5.73 4.28 14.07
C ALA B 213 -6.13 5.17 15.24
N PHE B 214 -6.52 6.41 14.93
CA PHE B 214 -6.96 7.34 15.96
C PHE B 214 -8.16 6.80 16.73
N GLU B 215 -9.18 6.31 16.01
CA GLU B 215 -10.37 5.78 16.67
C GLU B 215 -10.01 4.60 17.57
N LEU B 216 -9.16 3.70 17.06
CA LEU B 216 -8.80 2.51 17.80
C LEU B 216 -8.03 2.86 19.08
N VAL B 217 -7.10 3.82 18.98
CA VAL B 217 -6.33 4.22 20.14
C VAL B 217 -7.25 4.89 21.15
N TYR B 218 -8.15 5.73 20.67
CA TYR B 218 -9.08 6.45 21.53
C TYR B 218 -9.94 5.51 22.37
N GLU B 219 -10.51 4.50 21.72
CA GLU B 219 -11.37 3.53 22.39
C GLU B 219 -10.53 2.50 23.16
N GLN B 220 -9.21 2.64 23.09
CA GLN B 220 -8.30 1.70 23.71
C GLN B 220 -8.59 0.25 23.30
N ILE B 221 -8.93 0.07 22.03
CA ILE B 221 -9.14 -1.26 21.47
C ILE B 221 -7.77 -1.81 21.04
N PRO B 222 -7.44 -3.04 21.45
CA PRO B 222 -6.13 -3.57 21.07
C PRO B 222 -5.98 -3.63 19.56
N ALA B 223 -5.00 -2.91 19.03
CA ALA B 223 -4.91 -2.68 17.59
C ALA B 223 -3.49 -2.56 17.07
N THR B 224 -3.34 -2.82 15.77
CA THR B 224 -2.05 -2.69 15.10
C THR B 224 -2.22 -2.14 13.70
N LEU B 225 -1.40 -1.13 13.36
CA LEU B 225 -1.40 -0.57 12.01
C LEU B 225 -0.39 -1.33 11.18
N ILE B 226 -0.75 -1.61 9.93
CA ILE B 226 0.15 -2.22 8.96
C ILE B 226 -0.01 -1.51 7.64
N THR B 227 0.95 -1.72 6.74
CA THR B 227 0.81 -1.22 5.38
C THR B 227 -0.15 -2.09 4.59
N ASP B 228 -0.66 -1.56 3.50
CA ASP B 228 -1.58 -2.30 2.62
C ASP B 228 -0.89 -3.55 2.09
N SER B 229 0.43 -3.47 1.97
CA SER B 229 1.22 -4.55 1.38
C SER B 229 1.46 -5.71 2.35
N MET B 230 1.13 -5.50 3.62
CA MET B 230 1.36 -6.50 4.67
C MET B 230 0.13 -7.35 4.96
N VAL B 231 -0.99 -7.07 4.31
CA VAL B 231 -2.25 -7.76 4.57
C VAL B 231 -2.09 -9.27 4.45
N ALA B 232 -1.47 -9.74 3.38
CA ALA B 232 -1.30 -11.18 3.18
C ALA B 232 -0.42 -11.77 4.27
N ALA B 233 0.67 -11.10 4.59
CA ALA B 233 1.57 -11.57 5.64
C ALA B 233 0.80 -11.67 6.96
N ALA B 234 -0.05 -10.67 7.22
CA ALA B 234 -0.78 -10.62 8.49
C ALA B 234 -1.75 -11.79 8.60
N MET B 235 -2.40 -12.13 7.51
CA MET B 235 -3.35 -13.22 7.53
C MET B 235 -2.64 -14.56 7.75
N ALA B 236 -1.46 -14.70 7.16
CA ALA B 236 -0.70 -15.94 7.27
C ALA B 236 0.00 -16.08 8.61
N HIS B 237 0.43 -14.97 9.20
CA HIS B 237 1.31 -15.03 10.38
C HIS B 237 0.76 -14.38 11.66
N ARG B 238 -0.32 -13.61 11.56
CA ARG B 238 -0.83 -12.89 12.73
C ARG B 238 -2.25 -13.30 13.11
N GLY B 239 -2.70 -14.45 12.61
CA GLY B 239 -3.92 -15.06 13.06
C GLY B 239 -5.20 -14.32 12.73
N VAL B 240 -5.20 -13.54 11.65
CA VAL B 240 -6.41 -12.83 11.23
C VAL B 240 -7.49 -13.84 10.89
N SER B 241 -8.68 -13.65 11.47
CA SER B 241 -9.73 -14.66 11.37
C SER B 241 -10.97 -14.14 10.65
N ALA B 242 -11.00 -12.83 10.38
CA ALA B 242 -12.08 -12.24 9.59
C ALA B 242 -11.70 -10.88 9.06
N VAL B 243 -12.29 -10.50 7.92
CA VAL B 243 -12.10 -9.18 7.37
C VAL B 243 -13.46 -8.48 7.30
N VAL B 244 -13.51 -7.25 7.81
CA VAL B 244 -14.69 -6.40 7.69
C VAL B 244 -14.28 -5.06 7.08
N VAL B 245 -14.92 -4.70 5.98
CA VAL B 245 -14.72 -3.39 5.36
C VAL B 245 -16.05 -2.66 5.22
N GLY B 246 -15.98 -1.38 4.91
CA GLY B 246 -17.17 -0.60 4.63
C GLY B 246 -17.49 -0.65 3.16
N ALA B 247 -18.32 0.27 2.71
CA ALA B 247 -18.70 0.35 1.30
C ALA B 247 -19.03 1.78 0.92
N ASP B 248 -18.54 2.21 -0.23
CA ASP B 248 -18.97 3.47 -0.81
C ASP B 248 -20.30 3.23 -1.53
N ARG B 249 -20.40 2.07 -2.17
CA ARG B 249 -21.59 1.72 -2.93
C ARG B 249 -21.69 0.22 -3.19
N VAL B 250 -22.78 -0.37 -2.75
CA VAL B 250 -23.10 -1.76 -3.07
C VAL B 250 -24.21 -1.77 -4.10
N VAL B 251 -23.98 -2.42 -5.23
CA VAL B 251 -24.99 -2.47 -6.28
C VAL B 251 -25.86 -3.72 -6.16
N ALA B 252 -26.84 -3.84 -7.05
CA ALA B 252 -27.97 -4.75 -6.87
C ALA B 252 -27.58 -6.22 -6.68
N ASN B 253 -26.46 -6.63 -7.27
CA ASN B 253 -26.01 -8.01 -7.16
C ASN B 253 -25.00 -8.20 -6.04
N GLY B 254 -24.69 -7.12 -5.32
CA GLY B 254 -23.78 -7.20 -4.19
C GLY B 254 -22.36 -6.74 -4.49
N ASP B 255 -22.05 -6.52 -5.77
CA ASP B 255 -20.75 -5.97 -6.14
C ASP B 255 -20.53 -4.68 -5.37
N THR B 256 -19.36 -4.54 -4.76
CA THR B 256 -19.11 -3.44 -3.85
C THR B 256 -17.96 -2.54 -4.28
N ALA B 257 -18.30 -1.30 -4.59
CA ALA B 257 -17.27 -0.28 -4.76
C ALA B 257 -16.90 0.23 -3.37
N ASN B 258 -15.60 0.31 -3.11
CA ASN B 258 -15.10 0.81 -1.85
C ASN B 258 -13.69 1.30 -2.07
N LYS B 259 -13.13 1.98 -1.07
CA LYS B 259 -11.79 2.54 -1.18
C LYS B 259 -10.81 1.53 -1.75
N VAL B 260 -9.98 2.00 -2.68
CA VAL B 260 -9.13 1.11 -3.46
C VAL B 260 -8.27 0.24 -2.54
N GLY B 261 -8.11 -1.03 -2.93
CA GLY B 261 -7.43 -2.02 -2.12
C GLY B 261 -8.40 -3.04 -1.54
N THR B 262 -9.67 -2.67 -1.48
CA THR B 262 -10.71 -3.55 -0.95
C THR B 262 -10.79 -4.87 -1.74
N TYR B 263 -10.81 -4.75 -3.07
CA TYR B 263 -10.84 -5.90 -3.95
C TYR B 263 -9.67 -6.81 -3.64
N GLN B 264 -8.48 -6.21 -3.50
CA GLN B 264 -7.28 -6.93 -3.15
C GLN B 264 -7.43 -7.68 -1.83
N LEU B 265 -7.99 -7.00 -0.83
CA LEU B 265 -8.24 -7.61 0.47
C LEU B 265 -9.12 -8.87 0.34
N ALA B 266 -10.16 -8.76 -0.47
CA ALA B 266 -11.09 -9.88 -0.66
C ALA B 266 -10.40 -11.07 -1.30
N ILE B 267 -9.50 -10.80 -2.25
CA ILE B 267 -8.73 -11.86 -2.88
C ILE B 267 -7.86 -12.60 -1.87
N VAL B 268 -7.13 -11.83 -1.07
CA VAL B 268 -6.17 -12.41 -0.13
C VAL B 268 -6.90 -13.14 1.00
N ALA B 269 -8.08 -12.66 1.37
CA ALA B 269 -8.89 -13.33 2.39
C ALA B 269 -9.38 -14.68 1.87
N LYS B 270 -9.80 -14.72 0.61
CA LYS B 270 -10.24 -15.98 0.01
C LYS B 270 -9.08 -16.97 0.02
N HIS B 271 -7.91 -16.51 -0.38
CA HIS B 271 -6.72 -17.36 -0.42
C HIS B 271 -6.45 -18.03 0.93
N HIS B 272 -6.69 -17.30 2.02
CA HIS B 272 -6.46 -17.83 3.37
C HIS B 272 -7.72 -18.41 4.00
N GLY B 273 -8.81 -18.47 3.23
CA GLY B 273 -10.05 -19.08 3.69
C GLY B 273 -10.64 -18.40 4.90
N ILE B 274 -10.59 -17.08 4.93
CA ILE B 274 -11.21 -16.32 6.02
C ILE B 274 -12.33 -15.45 5.46
N PRO B 275 -13.45 -15.35 6.19
CA PRO B 275 -14.63 -14.67 5.67
C PRO B 275 -14.39 -13.18 5.46
N PHE B 276 -14.99 -12.66 4.39
CA PHE B 276 -14.89 -11.25 4.04
C PHE B 276 -16.29 -10.64 4.16
N TYR B 277 -16.41 -9.62 5.01
CA TYR B 277 -17.68 -8.94 5.22
C TYR B 277 -17.65 -7.51 4.71
N VAL B 278 -18.77 -7.09 4.11
CA VAL B 278 -18.98 -5.68 3.78
C VAL B 278 -20.06 -5.17 4.71
N ALA B 279 -19.77 -4.08 5.43
CA ALA B 279 -20.74 -3.42 6.29
C ALA B 279 -21.25 -2.16 5.61
N ALA B 280 -22.55 -2.11 5.34
CA ALA B 280 -23.13 -0.98 4.63
C ALA B 280 -24.59 -0.73 4.99
N PRO B 281 -24.94 0.51 5.38
CA PRO B 281 -26.36 0.83 5.58
C PRO B 281 -27.11 0.64 4.28
N SER B 282 -28.43 0.48 4.33
CA SER B 282 -29.21 0.28 3.11
C SER B 282 -29.06 1.47 2.16
N TYR B 283 -28.80 2.67 2.70
CA TYR B 283 -28.72 3.85 1.85
C TYR B 283 -27.39 3.98 1.12
N SER B 284 -26.47 3.04 1.38
CA SER B 284 -25.26 2.92 0.60
C SER B 284 -25.44 1.86 -0.49
N CYS B 285 -26.62 1.24 -0.51
CA CYS B 285 -26.93 0.22 -1.51
C CYS B 285 -27.72 0.83 -2.66
N ASP B 286 -27.17 0.71 -3.87
CA ASP B 286 -27.76 1.31 -5.05
C ASP B 286 -28.35 0.22 -5.93
N LEU B 287 -29.65 -0.01 -5.77
CA LEU B 287 -30.32 -1.12 -6.43
C LEU B 287 -30.62 -0.85 -7.91
N ARG B 288 -30.35 0.37 -8.35
CA ARG B 288 -30.50 0.71 -9.76
C ARG B 288 -29.47 -0.04 -10.61
N LEU B 289 -28.22 0.02 -10.20
CA LEU B 289 -27.13 -0.63 -10.92
C LEU B 289 -27.20 -2.14 -10.73
N GLU B 290 -27.18 -2.88 -11.82
CA GLU B 290 -27.29 -4.33 -11.77
C GLU B 290 -25.98 -5.00 -11.35
N THR B 291 -24.86 -4.46 -11.81
CA THR B 291 -23.55 -5.07 -11.56
C THR B 291 -22.47 -4.00 -11.38
N GLY B 292 -21.31 -4.42 -10.87
CA GLY B 292 -20.18 -3.54 -10.69
C GLY B 292 -19.62 -2.97 -11.98
N LYS B 293 -19.88 -3.65 -13.10
CA LYS B 293 -19.48 -3.18 -14.43
C LYS B 293 -19.99 -1.77 -14.70
N GLU B 294 -21.19 -1.48 -14.20
CA GLU B 294 -21.84 -0.22 -14.48
C GLU B 294 -21.32 0.95 -13.64
N ILE B 295 -20.37 0.68 -12.75
CA ILE B 295 -19.77 1.74 -11.92
C ILE B 295 -18.60 2.42 -12.62
N ILE B 296 -18.65 3.74 -12.71
CA ILE B 296 -17.50 4.53 -13.12
C ILE B 296 -16.56 4.65 -11.93
N ILE B 297 -15.32 4.18 -12.08
CA ILE B 297 -14.31 4.37 -11.05
C ILE B 297 -13.68 5.75 -11.18
N GLU B 298 -13.97 6.60 -10.20
CA GLU B 298 -13.38 7.92 -10.15
C GLU B 298 -11.86 7.78 -10.04
N GLU B 299 -11.15 8.49 -10.91
CA GLU B 299 -9.72 8.63 -10.76
C GLU B 299 -9.41 10.04 -10.29
N ARG B 300 -8.48 10.15 -9.34
CA ARG B 300 -8.08 11.44 -8.79
C ARG B 300 -6.71 11.83 -9.32
N PRO B 301 -6.33 13.12 -9.17
CA PRO B 301 -5.07 13.61 -9.74
C PRO B 301 -3.85 12.86 -9.22
N GLY B 302 -2.89 12.60 -10.10
CA GLY B 302 -1.71 11.82 -9.75
C GLY B 302 -0.85 12.43 -8.66
N GLN B 303 -0.90 13.75 -8.51
CA GLN B 303 -0.12 14.43 -7.48
C GLN B 303 -0.56 14.02 -6.08
N GLU B 304 -1.81 13.59 -5.96
CA GLU B 304 -2.32 13.14 -4.68
C GLU B 304 -1.73 11.79 -4.27
N LEU B 305 -1.10 11.11 -5.24
CA LEU B 305 -0.38 9.86 -4.96
C LEU B 305 1.11 10.13 -4.80
N THR B 306 1.68 10.94 -5.70
CA THR B 306 3.12 11.21 -5.70
C THR B 306 3.57 12.04 -4.51
N ASP B 307 2.69 12.91 -4.02
CA ASP B 307 3.02 13.85 -2.96
C ASP B 307 2.38 13.44 -1.64
N VAL B 308 3.09 13.72 -0.55
CA VAL B 308 2.50 13.66 0.79
C VAL B 308 2.99 14.86 1.59
N ASN B 309 2.06 15.51 2.27
CA ASN B 309 2.36 16.70 3.08
C ASN B 309 3.14 17.77 2.31
N GLY B 310 2.72 18.00 1.07
CA GLY B 310 3.30 19.06 0.25
C GLY B 310 4.67 18.76 -0.34
N VAL B 311 5.15 17.53 -0.14
CA VAL B 311 6.45 17.13 -0.67
C VAL B 311 6.31 15.92 -1.59
N ARG B 312 6.84 16.06 -2.81
CA ARG B 312 6.82 14.96 -3.75
C ARG B 312 7.76 13.86 -3.27
N ILE B 313 7.23 12.64 -3.19
CA ILE B 313 8.02 11.47 -2.84
C ILE B 313 8.46 10.73 -4.11
N ALA B 314 7.52 10.54 -5.03
CA ALA B 314 7.77 9.79 -6.25
C ALA B 314 8.75 10.50 -7.20
N ALA B 315 9.42 9.71 -8.02
CA ALA B 315 10.34 10.23 -9.01
C ALA B 315 9.62 11.17 -9.98
N PRO B 316 10.25 12.31 -10.33
CA PRO B 316 9.67 13.20 -11.34
C PRO B 316 9.41 12.48 -12.68
N GLY B 317 8.26 12.76 -13.27
CA GLY B 317 7.98 12.35 -14.64
C GLY B 317 7.30 11.02 -14.81
N ILE B 318 7.10 10.28 -13.72
CA ILE B 318 6.49 8.96 -13.83
C ILE B 318 4.99 9.11 -14.06
N GLY B 319 4.43 8.28 -14.94
CA GLY B 319 2.99 8.21 -15.09
C GLY B 319 2.39 7.72 -13.79
N VAL B 320 1.13 8.07 -13.54
CA VAL B 320 0.46 7.65 -12.31
C VAL B 320 -0.96 7.23 -12.62
N TRP B 321 -1.41 6.17 -11.96
CA TRP B 321 -2.80 5.76 -11.99
C TRP B 321 -3.34 5.83 -10.57
N ASN B 322 -4.35 6.68 -10.37
CA ASN B 322 -4.84 6.95 -9.02
C ASN B 322 -6.35 6.81 -8.86
N PRO B 323 -6.88 5.60 -9.12
CA PRO B 323 -8.30 5.35 -8.88
C PRO B 323 -8.60 5.43 -7.39
N ALA B 324 -9.69 6.09 -7.04
CA ALA B 324 -10.09 6.26 -5.65
C ALA B 324 -10.67 4.97 -5.07
N PHE B 325 -11.34 4.21 -5.94
CA PHE B 325 -12.04 3.00 -5.51
C PHE B 325 -11.69 1.82 -6.40
N ASP B 326 -11.97 0.60 -5.92
CA ASP B 326 -12.05 -0.57 -6.79
C ASP B 326 -13.35 -1.32 -6.49
N VAL B 327 -13.67 -2.31 -7.31
CA VAL B 327 -14.92 -3.04 -7.17
C VAL B 327 -14.62 -4.48 -6.80
N THR B 328 -15.28 -4.94 -5.75
CA THR B 328 -15.13 -6.31 -5.28
C THR B 328 -16.30 -7.10 -5.83
N PRO B 329 -16.02 -8.11 -6.68
CA PRO B 329 -17.12 -8.95 -7.16
C PRO B 329 -17.76 -9.71 -6.01
N HIS B 330 -19.08 -9.85 -6.06
CA HIS B 330 -19.83 -10.34 -4.89
C HIS B 330 -19.48 -11.78 -4.50
N ASP B 331 -18.89 -12.56 -5.40
CA ASP B 331 -18.54 -13.94 -5.08
C ASP B 331 -17.37 -14.02 -4.11
N LEU B 332 -16.70 -12.90 -3.88
CA LEU B 332 -15.62 -12.84 -2.88
C LEU B 332 -16.13 -12.33 -1.52
N ILE B 333 -17.36 -11.85 -1.48
CA ILE B 333 -17.99 -11.45 -0.23
C ILE B 333 -18.53 -12.70 0.46
N THR B 334 -17.63 -13.44 1.09
CA THR B 334 -17.94 -14.75 1.65
C THR B 334 -18.52 -14.69 3.06
N GLY B 335 -18.31 -13.58 3.77
CA GLY B 335 -18.92 -13.38 5.08
C GLY B 335 -20.36 -12.94 4.93
N GLY B 336 -20.57 -11.84 4.22
CA GLY B 336 -21.89 -11.35 3.92
C GLY B 336 -21.91 -9.84 3.85
N ILE B 337 -23.08 -9.29 3.55
CA ILE B 337 -23.29 -7.86 3.53
C ILE B 337 -24.10 -7.45 4.76
N ILE B 338 -23.46 -6.69 5.65
CA ILE B 338 -24.05 -6.33 6.93
C ILE B 338 -24.77 -4.99 6.81
N THR B 339 -26.10 -5.04 6.93
CA THR B 339 -26.93 -3.85 6.87
C THR B 339 -27.66 -3.68 8.20
N GLU B 340 -28.32 -2.54 8.38
CA GLU B 340 -29.09 -2.31 9.60
C GLU B 340 -30.29 -3.26 9.67
N LEU B 341 -30.64 -3.86 8.53
CA LEU B 341 -31.75 -4.79 8.43
C LEU B 341 -31.31 -6.23 8.62
N GLY B 342 -30.00 -6.45 8.64
CA GLY B 342 -29.46 -7.78 8.83
C GLY B 342 -28.27 -8.08 7.94
N VAL B 343 -27.75 -9.29 8.09
CA VAL B 343 -26.62 -9.77 7.31
C VAL B 343 -27.16 -10.65 6.18
N PHE B 344 -26.77 -10.34 4.94
CA PHE B 344 -27.32 -11.03 3.78
C PHE B 344 -26.24 -11.54 2.84
N ALA B 345 -26.47 -12.69 2.24
CA ALA B 345 -25.66 -13.15 1.14
C ALA B 345 -25.95 -12.21 -0.03
N PRO B 346 -24.95 -11.98 -0.91
CA PRO B 346 -25.12 -11.05 -2.02
C PRO B 346 -26.36 -11.27 -2.88
N GLU B 347 -26.69 -12.52 -3.21
CA GLU B 347 -27.84 -12.80 -4.08
C GLU B 347 -29.17 -12.43 -3.41
N GLU B 348 -29.16 -12.32 -2.08
CA GLU B 348 -30.36 -12.01 -1.31
C GLU B 348 -30.59 -10.51 -1.13
N LEU B 349 -29.55 -9.73 -1.36
CA LEU B 349 -29.53 -8.33 -0.94
C LEU B 349 -30.70 -7.53 -1.51
N ARG B 350 -30.88 -7.63 -2.82
CA ARG B 350 -31.85 -6.80 -3.51
C ARG B 350 -33.27 -6.99 -2.96
N THR B 351 -33.70 -8.24 -2.88
CA THR B 351 -35.05 -8.54 -2.39
C THR B 351 -35.19 -8.21 -0.91
N ALA B 352 -34.15 -8.49 -0.13
CA ALA B 352 -34.20 -8.26 1.32
C ALA B 352 -34.35 -6.79 1.68
N LEU B 353 -33.55 -5.93 1.06
CA LEU B 353 -33.57 -4.52 1.42
C LEU B 353 -34.89 -3.85 1.09
N THR B 354 -35.62 -4.41 0.14
CA THR B 354 -36.81 -3.75 -0.36
C THR B 354 -38.11 -4.44 0.07
N THR B 355 -38.01 -5.43 0.96
CA THR B 355 -39.20 -6.13 1.44
C THR B 355 -39.14 -6.49 2.93
N THR B 356 -38.20 -5.90 3.67
CA THR B 356 -38.10 -6.16 5.10
C THR B 356 -37.87 -4.86 5.88
N ILE B 357 -38.34 -4.85 7.13
CA ILE B 357 -38.15 -3.73 8.04
C ILE B 357 -37.44 -4.20 9.31
#